data_7F9D
#
_entry.id   7F9D
#
_cell.length_a   70.490
_cell.length_b   106.130
_cell.length_c   145.550
_cell.angle_alpha   90.000
_cell.angle_beta   90.000
_cell.angle_gamma   90.000
#
_symmetry.space_group_name_H-M   'P 21 21 21'
#
loop_
_entity.id
_entity.type
_entity.pdbx_description
1 polymer 'Bifunctional glutamate/proline--tRNA ligase'
2 non-polymer 4-[(3S)-3-cyano-3-cyclopropyl-2-oxidanylidene-pyrrolidin-1-yl]-N-[[3-fluoranyl-5-(5-methoxypyridin-3-yl)phenyl]methyl]-6-methyl-pyridine-2-carboxamide
3 non-polymer 'ZINC ION'
4 non-polymer 'CALCIUM ION'
5 non-polymer 'CHLORIDE ION'
6 non-polymer PROLINE
7 water water
#
_entity_poly.entity_id   1
_entity_poly.type   'polypeptide(L)'
_entity_poly.pdbx_seq_one_letter_code
;PKKQTRLGLEAKKEENLADWYSQVITKSEMIEYHDISGCYILRPWAYAIWEAIKDFFDAEIKKLGVENCYFPMFVSQSAL
EKEKTHVADFAPEVAWVTRSGKTELAEPIAIRPTSETVMYPAYAKWVQSHRDLPIKLNQWCNVVRWEFKHPQPFLRTREF
LWQEGHSAFATMEEAAEEVLQILDLYAQVYEELLAIPVVKGRKTEKEKFAGGDYTTTIEAFISASGRAIQGGTSHHLGQN
FSKMFEIVFEDPKIPGEKQFAYQNSWGLTTRTIGVMTMVHGDNMGLVLPPRVACVQVVIIPCGITNALSEEDKEALIAKC
NDYRRRLLSVNIRVRADLRDNYSPGWKFNHWELKGVPIRLEVGPRDMKSCQFVAVRRDTGEKLTVAENEAETKLQAILED
IQVTLFTRASEDLKTHMVVANTMEDFQKILDSGKIVQIPFCGEIDCEDWIKKTTARDQDLEPGAPSMGAKSLCIPFKPLC
ELQPGAKCVCGKNPAKYYTLFGRSY
;
_entity_poly.pdbx_strand_id   A,B
#
loop_
_chem_comp.id
_chem_comp.type
_chem_comp.name
_chem_comp.formula
1UI non-polymer 4-[(3S)-3-cyano-3-cyclopropyl-2-oxidanylidene-pyrrolidin-1-yl]-N-[[3-fluoranyl-5-(5-methoxypyridin-3-yl)phenyl]methyl]-6-methyl-pyridine-2-carboxamide 'C28 H26 F N5 O3'
CA non-polymer 'CALCIUM ION' 'Ca 2'
CL non-polymer 'CHLORIDE ION' 'Cl -1'
ZN non-polymer 'ZINC ION' 'Zn 2'
#
# COMPACT_ATOMS: atom_id res chain seq x y z
N GLY A 8 -27.81 -18.28 6.25
CA GLY A 8 -27.84 -17.36 7.37
C GLY A 8 -26.80 -17.66 8.44
N LEU A 9 -26.44 -16.66 9.23
CA LEU A 9 -25.54 -16.88 10.36
C LEU A 9 -26.33 -17.50 11.50
N GLU A 10 -25.81 -18.60 12.05
CA GLU A 10 -26.48 -19.29 13.14
C GLU A 10 -25.71 -19.27 14.44
N ALA A 11 -24.40 -19.08 14.39
CA ALA A 11 -23.61 -18.90 15.60
C ALA A 11 -24.06 -17.67 16.37
N LYS A 12 -23.97 -17.73 17.68
CA LYS A 12 -24.40 -16.68 18.55
C LYS A 12 -23.27 -16.04 19.27
N LYS A 13 -23.31 -14.73 19.39
CA LYS A 13 -22.14 -14.03 19.91
C LYS A 13 -21.98 -14.25 21.41
N GLU A 14 -23.09 -14.31 22.16
CA GLU A 14 -22.99 -14.33 23.61
C GLU A 14 -22.60 -15.66 24.12
N GLU A 15 -22.34 -16.60 23.25
CA GLU A 15 -21.99 -17.93 23.67
C GLU A 15 -20.60 -18.35 23.29
N ASN A 16 -20.39 -18.71 22.04
CA ASN A 16 -19.08 -19.08 21.57
C ASN A 16 -18.50 -17.92 20.78
N LEU A 17 -17.89 -16.99 21.51
CA LEU A 17 -17.32 -15.78 20.89
C LEU A 17 -16.34 -16.12 19.78
N ALA A 18 -15.52 -17.16 19.96
CA ALA A 18 -14.49 -17.45 18.98
C ALA A 18 -15.08 -18.06 17.72
N ASP A 19 -16.03 -19.01 17.87
CA ASP A 19 -16.68 -19.54 16.67
C ASP A 19 -17.55 -18.49 15.99
N TRP A 20 -18.20 -17.62 16.78
CA TRP A 20 -18.98 -16.54 16.19
C TRP A 20 -18.08 -15.61 15.40
N TYR A 21 -16.90 -15.32 15.93
CA TYR A 21 -15.92 -14.52 15.23
C TYR A 21 -15.53 -15.19 13.91
N SER A 22 -15.12 -16.45 13.98
CA SER A 22 -14.77 -17.19 12.76
C SER A 22 -15.87 -17.11 11.71
N GLN A 23 -17.11 -17.45 12.11
CA GLN A 23 -18.21 -17.53 11.16
C GLN A 23 -18.54 -16.16 10.57
N VAL A 24 -18.41 -15.10 11.37
CA VAL A 24 -18.77 -13.77 10.86
C VAL A 24 -17.70 -13.28 9.90
N ILE A 25 -16.43 -13.46 10.26
CA ILE A 25 -15.40 -12.87 9.42
C ILE A 25 -15.24 -13.69 8.15
N THR A 26 -15.75 -14.93 8.13
CA THR A 26 -15.71 -15.68 6.89
C THR A 26 -16.97 -15.51 6.05
N LYS A 27 -18.15 -15.52 6.68
CA LYS A 27 -19.41 -15.42 5.94
C LYS A 27 -19.65 -13.99 5.43
N SER A 28 -19.13 -12.99 6.12
CA SER A 28 -19.13 -11.65 5.54
C SER A 28 -18.10 -11.49 4.42
N GLU A 29 -17.29 -12.52 4.15
CA GLU A 29 -16.33 -12.55 3.06
C GLU A 29 -15.20 -11.57 3.29
N MET A 30 -14.93 -11.26 4.57
CA MET A 30 -13.78 -10.43 4.92
C MET A 30 -12.46 -11.20 4.93
N ILE A 31 -12.49 -12.49 5.24
CA ILE A 31 -11.28 -13.22 5.63
C ILE A 31 -11.35 -14.66 5.10
N GLU A 32 -10.27 -15.11 4.46
CA GLU A 32 -10.12 -16.50 4.04
C GLU A 32 -8.90 -17.09 4.72
N TYR A 33 -8.98 -18.35 5.10
CA TYR A 33 -7.87 -19.04 5.75
C TYR A 33 -6.84 -19.53 4.73
N HIS A 34 -5.58 -19.46 5.12
CA HIS A 34 -4.42 -19.86 4.35
C HIS A 34 -3.86 -21.15 4.93
N ASP A 35 -3.06 -21.88 4.15
CA ASP A 35 -2.49 -23.13 4.67
C ASP A 35 -1.29 -22.93 5.56
N ILE A 36 -0.88 -21.69 5.80
CA ILE A 36 0.15 -21.39 6.76
C ILE A 36 -0.52 -20.66 7.93
N SER A 37 -0.45 -21.28 9.10
CA SER A 37 -1.11 -20.78 10.30
C SER A 37 -0.71 -19.33 10.59
N GLY A 38 -1.68 -18.54 11.04
CA GLY A 38 -1.43 -17.18 11.46
C GLY A 38 -1.36 -16.16 10.34
N CYS A 39 -1.61 -16.57 9.11
CA CYS A 39 -1.66 -15.66 7.97
C CYS A 39 -3.02 -15.84 7.33
N TYR A 40 -3.71 -14.73 7.12
CA TYR A 40 -5.07 -14.76 6.65
C TYR A 40 -5.18 -13.94 5.39
N ILE A 41 -6.10 -14.35 4.51
CA ILE A 41 -6.40 -13.63 3.29
C ILE A 41 -7.37 -12.50 3.60
N LEU A 42 -6.96 -11.25 3.31
CA LEU A 42 -7.83 -10.08 3.36
C LEU A 42 -8.58 -9.94 2.03
N ARG A 43 -9.82 -10.38 2.00
CA ARG A 43 -10.64 -10.26 0.79
C ARG A 43 -11.09 -8.80 0.62
N PRO A 44 -11.65 -8.44 -0.54
CA PRO A 44 -12.00 -7.02 -0.78
C PRO A 44 -12.84 -6.37 0.30
N TRP A 45 -13.77 -7.11 0.91
CA TRP A 45 -14.68 -6.48 1.87
C TRP A 45 -13.94 -5.95 3.09
N ALA A 46 -12.91 -6.65 3.55
CA ALA A 46 -12.04 -6.17 4.63
C ALA A 46 -11.03 -5.14 4.14
N TYR A 47 -10.34 -5.46 3.03
CA TYR A 47 -9.33 -4.54 2.50
C TYR A 47 -9.90 -3.14 2.31
N ALA A 48 -11.17 -3.02 1.87
CA ALA A 48 -11.77 -1.70 1.68
C ALA A 48 -11.82 -0.89 2.97
N ILE A 49 -12.11 -1.55 4.10
CA ILE A 49 -12.04 -0.86 5.40
C ILE A 49 -10.63 -0.36 5.64
N TRP A 50 -9.65 -1.22 5.36
CA TRP A 50 -8.26 -0.79 5.53
C TRP A 50 -7.97 0.45 4.68
N GLU A 51 -8.46 0.48 3.45
CA GLU A 51 -8.21 1.63 2.57
C GLU A 51 -8.92 2.89 3.07
N ALA A 52 -10.15 2.75 3.59
CA ALA A 52 -10.82 3.91 4.14
C ALA A 52 -9.99 4.54 5.25
N ILE A 53 -9.44 3.68 6.13
CA ILE A 53 -8.49 4.13 7.14
C ILE A 53 -7.27 4.77 6.50
N LYS A 54 -6.65 4.06 5.58
CA LYS A 54 -5.48 4.53 4.84
C LYS A 54 -5.70 5.96 4.34
N ASP A 55 -6.83 6.19 3.67
CA ASP A 55 -7.08 7.50 3.06
C ASP A 55 -7.17 8.59 4.12
N PHE A 56 -7.96 8.34 5.18
CA PHE A 56 -8.11 9.36 6.23
C PHE A 56 -6.77 9.66 6.89
N PHE A 57 -6.03 8.62 7.26
CA PHE A 57 -4.79 8.82 8.03
C PHE A 57 -3.72 9.45 7.17
N ASP A 58 -3.58 8.99 5.92
CA ASP A 58 -2.61 9.56 5.01
C ASP A 58 -2.83 11.05 4.84
N ALA A 59 -4.09 11.47 4.67
CA ALA A 59 -4.36 12.89 4.60
C ALA A 59 -3.90 13.60 5.87
N GLU A 60 -4.23 13.03 7.03
CA GLU A 60 -3.89 13.75 8.26
C GLU A 60 -2.38 13.87 8.45
N ILE A 61 -1.61 12.80 8.20
CA ILE A 61 -0.17 12.89 8.44
C ILE A 61 0.49 13.75 7.38
N LYS A 62 -0.11 13.84 6.19
CA LYS A 62 0.42 14.77 5.20
C LYS A 62 0.32 16.19 5.72
N LYS A 63 -0.78 16.53 6.41
CA LYS A 63 -0.85 17.88 6.98
C LYS A 63 0.22 18.16 8.04
N LEU A 64 0.89 17.13 8.56
CA LEU A 64 1.90 17.27 9.62
C LEU A 64 3.32 17.32 9.08
N GLY A 65 3.50 17.19 7.77
CA GLY A 65 4.81 17.11 7.18
C GLY A 65 5.33 15.70 6.93
N VAL A 66 4.55 14.67 7.25
CA VAL A 66 5.00 13.29 7.07
C VAL A 66 4.85 12.90 5.61
N GLU A 67 5.85 12.21 5.07
CA GLU A 67 5.89 11.78 3.68
C GLU A 67 5.99 10.26 3.58
N ASN A 68 5.34 9.72 2.57
CA ASN A 68 5.30 8.27 2.39
C ASN A 68 6.52 7.78 1.62
N CYS A 69 6.98 6.58 1.98
CA CYS A 69 8.17 5.99 1.38
C CYS A 69 8.07 4.47 1.48
N TYR A 70 9.12 3.77 1.06
CA TYR A 70 9.15 2.32 1.21
C TYR A 70 10.58 1.83 1.36
N PHE A 71 10.86 1.14 2.53
CA PHE A 71 12.15 0.58 2.92
C PHE A 71 12.16 -0.93 2.73
N PRO A 72 13.34 -1.52 2.53
CA PRO A 72 13.40 -2.95 2.28
C PRO A 72 12.82 -3.75 3.43
N MET A 73 12.32 -4.94 3.11
CA MET A 73 11.72 -5.86 4.08
C MET A 73 12.75 -6.69 4.85
N PHE A 74 14.00 -6.72 4.38
CA PHE A 74 15.04 -7.55 4.99
C PHE A 74 16.00 -6.71 5.82
N VAL A 75 16.58 -7.33 6.85
CA VAL A 75 17.53 -6.68 7.73
C VAL A 75 18.76 -7.54 7.85
N SER A 76 19.93 -6.91 7.87
CA SER A 76 21.15 -7.63 8.18
C SER A 76 21.18 -7.97 9.65
N GLN A 77 21.89 -9.05 10.01
CA GLN A 77 22.03 -9.35 11.42
C GLN A 77 22.73 -8.21 12.15
N SER A 78 23.82 -7.69 11.56
CA SER A 78 24.61 -6.66 12.22
C SER A 78 23.75 -5.42 12.57
N ALA A 79 22.94 -4.93 11.61
CA ALA A 79 22.06 -3.80 11.94
C ALA A 79 20.95 -4.19 12.91
N LEU A 80 20.51 -5.45 12.90
CA LEU A 80 19.38 -5.81 13.77
C LEU A 80 19.75 -5.72 15.25
N GLU A 81 21.03 -5.90 15.58
CA GLU A 81 21.46 -6.03 16.97
C GLU A 81 22.12 -4.77 17.52
N LYS A 82 21.90 -3.61 16.89
CA LYS A 82 22.58 -2.40 17.34
C LYS A 82 21.94 -1.79 18.60
N GLU A 83 20.60 -1.92 18.75
CA GLU A 83 19.92 -1.50 19.98
C GLU A 83 19.56 -2.76 20.76
N LYS A 84 20.29 -2.99 21.86
CA LYS A 84 20.24 -4.28 22.54
C LYS A 84 18.86 -4.56 23.13
N THR A 85 18.28 -3.57 23.80
CA THR A 85 16.94 -3.74 24.39
C THR A 85 15.93 -4.20 23.34
N HIS A 86 15.89 -3.46 22.22
CA HIS A 86 14.94 -3.70 21.14
C HIS A 86 15.11 -5.10 20.54
N VAL A 87 16.35 -5.46 20.18
CA VAL A 87 16.52 -6.76 19.57
C VAL A 87 16.27 -7.88 20.58
N ALA A 88 16.61 -7.68 21.86
CA ALA A 88 16.30 -8.71 22.85
C ALA A 88 14.81 -8.93 22.98
N ASP A 89 14.01 -7.87 22.84
CA ASP A 89 12.56 -8.06 22.85
C ASP A 89 12.07 -8.83 21.62
N PHE A 90 12.61 -8.50 20.44
CA PHE A 90 12.02 -9.04 19.20
C PHE A 90 12.67 -10.33 18.67
N ALA A 91 13.90 -10.65 19.12
CA ALA A 91 14.67 -11.73 18.55
C ALA A 91 13.96 -13.08 18.48
N PRO A 92 13.31 -13.58 19.53
CA PRO A 92 12.68 -14.91 19.44
C PRO A 92 11.56 -15.01 18.40
N GLU A 93 11.10 -13.90 17.83
CA GLU A 93 9.99 -13.94 16.88
C GLU A 93 10.36 -13.41 15.50
N VAL A 94 11.65 -13.37 15.15
CA VAL A 94 12.12 -12.79 13.88
C VAL A 94 12.36 -13.89 12.87
N ALA A 95 11.65 -13.84 11.74
CA ALA A 95 11.80 -14.86 10.72
C ALA A 95 13.11 -14.65 9.95
N TRP A 96 13.87 -15.72 9.78
CA TRP A 96 15.18 -15.62 9.15
C TRP A 96 15.15 -16.34 7.82
N VAL A 97 15.48 -15.62 6.75
CA VAL A 97 15.71 -16.22 5.43
C VAL A 97 17.18 -16.62 5.33
N THR A 98 17.42 -17.88 4.97
CA THR A 98 18.73 -18.46 4.95
C THR A 98 19.20 -18.98 3.59
N ARG A 99 18.29 -19.26 2.67
CA ARG A 99 18.69 -19.73 1.35
C ARG A 99 17.80 -19.13 0.28
N SER A 100 18.29 -19.19 -0.95
CA SER A 100 17.46 -18.95 -2.13
C SER A 100 17.59 -20.17 -3.04
N GLY A 101 16.45 -20.74 -3.42
CA GLY A 101 16.50 -22.06 -4.03
C GLY A 101 17.10 -23.05 -3.05
N LYS A 102 18.16 -23.75 -3.49
CA LYS A 102 18.99 -24.59 -2.62
C LYS A 102 20.30 -23.92 -2.23
N THR A 103 20.53 -22.69 -2.70
CA THR A 103 21.79 -21.99 -2.47
C THR A 103 21.69 -21.22 -1.17
N GLU A 104 22.64 -21.46 -0.26
CA GLU A 104 22.70 -20.66 0.96
C GLU A 104 22.99 -19.21 0.63
N LEU A 105 22.44 -18.30 1.43
CA LEU A 105 22.85 -16.92 1.25
C LEU A 105 24.28 -16.72 1.74
N ALA A 106 24.83 -15.57 1.39
CA ALA A 106 26.08 -15.14 2.01
C ALA A 106 25.95 -15.11 3.52
N GLU A 107 24.81 -14.61 4.01
CA GLU A 107 24.56 -14.37 5.43
C GLU A 107 23.06 -14.36 5.63
N PRO A 108 22.54 -15.02 6.67
CA PRO A 108 21.09 -14.98 6.89
C PRO A 108 20.60 -13.55 7.03
N ILE A 109 19.42 -13.30 6.45
CA ILE A 109 18.78 -12.00 6.55
C ILE A 109 17.42 -12.17 7.22
N ALA A 110 17.08 -11.18 8.06
CA ALA A 110 15.86 -11.17 8.85
C ALA A 110 14.75 -10.43 8.13
N ILE A 111 13.54 -10.97 8.23
CA ILE A 111 12.35 -10.24 7.82
C ILE A 111 11.97 -9.25 8.90
N ARG A 112 11.59 -8.03 8.52
CA ARG A 112 11.30 -6.99 9.49
C ARG A 112 10.14 -7.37 10.42
N PRO A 113 10.35 -7.38 11.72
CA PRO A 113 9.20 -7.36 12.65
C PRO A 113 8.67 -5.94 12.81
N THR A 114 9.57 -4.99 12.60
CA THR A 114 9.38 -3.55 12.72
C THR A 114 10.63 -2.92 12.14
N SER A 115 10.53 -1.70 11.61
CA SER A 115 11.56 -1.22 10.69
C SER A 115 12.53 -0.20 11.29
N GLU A 116 12.62 -0.10 12.62
CA GLU A 116 13.66 0.77 13.18
C GLU A 116 15.03 0.43 12.61
N THR A 117 15.44 -0.83 12.74
CA THR A 117 16.81 -1.18 12.35
C THR A 117 17.00 -1.20 10.84
N VAL A 118 15.91 -1.19 10.06
CA VAL A 118 16.04 -1.03 8.62
C VAL A 118 16.29 0.43 8.27
N MET A 119 15.51 1.34 8.86
CA MET A 119 15.50 2.74 8.44
C MET A 119 16.65 3.54 9.02
N TYR A 120 17.04 3.28 10.27
CA TYR A 120 17.85 4.29 10.95
C TYR A 120 19.28 4.44 10.41
N PRO A 121 19.89 3.40 9.81
CA PRO A 121 21.16 3.67 9.11
C PRO A 121 21.01 4.64 7.94
N ALA A 122 19.88 4.59 7.25
CA ALA A 122 19.62 5.61 6.24
C ALA A 122 19.51 6.99 6.88
N TYR A 123 18.78 7.09 8.00
CA TYR A 123 18.65 8.39 8.65
C TYR A 123 20.02 8.94 9.03
N ALA A 124 20.90 8.09 9.57
CA ALA A 124 22.25 8.53 9.90
C ALA A 124 22.95 9.09 8.67
N LYS A 125 22.76 8.45 7.50
CA LYS A 125 23.31 9.01 6.27
C LYS A 125 22.73 10.40 5.97
N TRP A 126 21.42 10.54 6.06
CA TRP A 126 20.74 11.75 5.60
C TRP A 126 20.90 12.94 6.53
N VAL A 127 21.49 12.77 7.70
CA VAL A 127 21.61 13.83 8.70
C VAL A 127 23.09 14.19 8.85
N GLN A 128 23.44 15.41 8.45
CA GLN A 128 24.78 15.92 8.65
C GLN A 128 24.80 17.35 9.19
N SER A 129 23.68 18.07 9.12
CA SER A 129 23.59 19.44 9.58
C SER A 129 22.23 19.64 10.22
N HIS A 130 22.16 20.64 11.11
CA HIS A 130 20.89 20.94 11.78
CA HIS A 130 20.89 20.93 11.78
C HIS A 130 19.76 21.10 10.78
N ARG A 131 20.05 21.69 9.61
CA ARG A 131 18.95 21.89 8.67
C ARG A 131 18.46 20.61 8.03
N ASP A 132 19.08 19.45 8.30
CA ASP A 132 18.64 18.20 7.71
C ASP A 132 17.49 17.53 8.45
N LEU A 133 17.18 17.98 9.68
CA LEU A 133 16.07 17.56 10.52
C LEU A 133 14.97 18.64 10.51
N PRO A 134 13.68 18.27 10.70
CA PRO A 134 13.22 16.89 10.97
C PRO A 134 13.22 15.98 9.75
N ILE A 135 13.33 14.67 9.99
CA ILE A 135 12.95 13.67 9.02
C ILE A 135 11.64 13.04 9.49
N LYS A 136 10.61 13.07 8.64
CA LYS A 136 9.31 12.51 8.97
C LYS A 136 8.87 11.55 7.86
N LEU A 137 9.10 10.25 8.04
CA LEU A 137 8.79 9.27 7.02
C LEU A 137 7.69 8.31 7.51
N ASN A 138 6.84 7.85 6.59
CA ASN A 138 5.85 6.84 6.90
C ASN A 138 5.83 5.83 5.77
N GLN A 139 5.48 4.59 6.11
CA GLN A 139 5.24 3.59 5.09
C GLN A 139 4.08 2.67 5.47
N TRP A 140 3.38 2.24 4.43
CA TRP A 140 2.32 1.25 4.50
C TRP A 140 2.88 -0.08 4.00
N CYS A 141 3.05 -1.04 4.90
CA CYS A 141 3.70 -2.28 4.51
C CYS A 141 3.26 -3.39 5.45
N ASN A 142 3.70 -4.60 5.15
CA ASN A 142 3.53 -5.77 5.98
C ASN A 142 4.75 -5.98 6.87
N VAL A 143 4.52 -6.53 8.06
CA VAL A 143 5.61 -7.04 8.87
C VAL A 143 5.26 -8.42 9.40
N VAL A 144 6.30 -9.10 9.89
CA VAL A 144 6.20 -10.48 10.36
C VAL A 144 6.68 -10.54 11.80
N ARG A 145 5.92 -11.23 12.64
CA ARG A 145 6.29 -11.47 14.04
C ARG A 145 5.86 -12.90 14.32
N TRP A 146 6.82 -13.83 14.28
CA TRP A 146 6.53 -15.26 14.21
C TRP A 146 6.46 -15.82 15.63
N GLU A 147 5.36 -15.53 16.30
CA GLU A 147 5.07 -16.13 17.58
C GLU A 147 4.46 -17.52 17.40
N PHE A 148 4.77 -18.42 18.32
CA PHE A 148 4.22 -19.77 18.29
C PHE A 148 3.02 -19.91 19.21
N LYS A 149 2.49 -18.81 19.72
CA LYS A 149 1.21 -18.83 20.38
C LYS A 149 0.10 -18.85 19.33
N HIS A 150 -1.11 -19.11 19.78
CA HIS A 150 -2.23 -19.36 18.89
C HIS A 150 -2.67 -18.05 18.23
N PRO A 151 -2.73 -17.99 16.91
CA PRO A 151 -3.12 -16.76 16.24
C PRO A 151 -4.63 -16.60 16.21
N GLN A 152 -5.04 -15.35 16.07
CA GLN A 152 -6.43 -14.99 15.91
C GLN A 152 -6.54 -13.93 14.81
N PRO A 153 -7.36 -14.17 13.78
CA PRO A 153 -7.53 -13.20 12.68
C PRO A 153 -7.66 -11.75 13.13
N PHE A 154 -6.97 -10.83 12.43
CA PHE A 154 -6.93 -9.40 12.72
C PHE A 154 -6.18 -9.07 14.02
N LEU A 155 -6.58 -9.71 15.13
CA LEU A 155 -6.08 -9.29 16.43
C LEU A 155 -4.59 -9.65 16.62
N ARG A 156 -4.26 -10.94 16.63
CA ARG A 156 -2.85 -11.37 16.74
C ARG A 156 -2.52 -12.37 15.63
N THR A 157 -1.79 -11.88 14.64
CA THR A 157 -1.37 -12.61 13.46
C THR A 157 0.13 -12.51 13.29
N ARG A 158 0.67 -13.38 12.44
CA ARG A 158 2.11 -13.46 12.29
C ARG A 158 2.63 -12.62 11.14
N GLU A 159 1.79 -12.37 10.13
CA GLU A 159 2.01 -11.31 9.16
C GLU A 159 0.83 -10.36 9.27
N PHE A 160 1.11 -9.07 9.30
CA PHE A 160 -0.01 -8.14 9.26
C PHE A 160 0.37 -6.88 8.50
N LEU A 161 -0.64 -6.26 7.91
CA LEU A 161 -0.50 -4.96 7.29
C LEU A 161 -0.50 -3.90 8.37
N TRP A 162 0.31 -2.87 8.19
CA TRP A 162 0.29 -1.75 9.11
C TRP A 162 0.85 -0.52 8.41
N GLN A 163 0.80 0.60 9.13
CA GLN A 163 1.63 1.76 8.82
C GLN A 163 2.55 2.00 9.99
N GLU A 164 3.78 2.37 9.65
CA GLU A 164 4.74 2.75 10.66
C GLU A 164 5.35 4.07 10.22
N GLY A 165 5.31 5.03 11.14
CA GLY A 165 5.90 6.34 10.94
C GLY A 165 7.12 6.44 11.84
N HIS A 166 8.13 7.15 11.33
CA HIS A 166 9.42 7.28 11.98
C HIS A 166 9.89 8.70 11.76
N SER A 167 10.01 9.46 12.85
CA SER A 167 10.43 10.84 12.76
C SER A 167 11.60 11.09 13.69
N ALA A 168 12.48 11.99 13.23
CA ALA A 168 13.70 12.40 13.90
C ALA A 168 13.78 13.93 13.94
N PHE A 169 13.97 14.48 15.15
CA PHE A 169 13.95 15.91 15.42
C PHE A 169 15.25 16.34 16.09
N ALA A 170 15.50 17.64 16.07
CA ALA A 170 16.67 18.17 16.76
C ALA A 170 16.41 18.43 18.24
N THR A 171 15.15 18.46 18.67
CA THR A 171 14.82 18.81 20.04
C THR A 171 13.77 17.86 20.61
N MET A 172 13.84 17.61 21.92
CA MET A 172 12.82 16.79 22.52
C MET A 172 11.42 17.40 22.42
N GLU A 173 11.33 18.74 22.40
CA GLU A 173 10.00 19.35 22.39
C GLU A 173 9.23 19.02 21.09
N GLU A 174 9.87 19.25 19.93
CA GLU A 174 9.26 18.86 18.65
C GLU A 174 8.76 17.43 18.69
N ALA A 175 9.62 16.52 19.15
CA ALA A 175 9.30 15.09 19.15
C ALA A 175 8.10 14.81 20.05
N ALA A 176 8.17 15.29 21.30
CA ALA A 176 7.08 15.14 22.26
C ALA A 176 5.78 15.66 21.67
N GLU A 177 5.83 16.79 20.98
CA GLU A 177 4.65 17.32 20.30
C GLU A 177 4.06 16.30 19.33
N GLU A 178 4.93 15.73 18.45
CA GLU A 178 4.43 14.82 17.41
C GLU A 178 3.86 13.53 18.00
N VAL A 179 4.42 13.04 19.10
CA VAL A 179 3.94 11.78 19.69
C VAL A 179 2.44 11.89 20.01
N LEU A 180 2.06 12.99 20.66
CA LEU A 180 0.68 13.23 21.04
C LEU A 180 -0.21 13.56 19.84
N GLN A 181 0.26 14.39 18.91
CA GLN A 181 -0.50 14.61 17.68
C GLN A 181 -0.90 13.28 17.03
N ILE A 182 0.08 12.40 16.84
CA ILE A 182 -0.18 11.10 16.19
C ILE A 182 -1.13 10.26 17.04
N LEU A 183 -0.93 10.22 18.35
CA LEU A 183 -1.82 9.41 19.16
C LEU A 183 -3.25 9.90 19.05
N ASP A 184 -3.45 11.22 19.04
CA ASP A 184 -4.81 11.72 18.85
C ASP A 184 -5.36 11.32 17.50
N LEU A 185 -4.51 11.32 16.45
CA LEU A 185 -5.00 10.87 15.14
C LEU A 185 -5.51 9.44 15.22
N TYR A 186 -4.75 8.57 15.89
CA TYR A 186 -5.19 7.19 16.08
C TYR A 186 -6.53 7.12 16.81
N ALA A 187 -6.66 7.93 17.87
CA ALA A 187 -7.93 8.02 18.57
C ALA A 187 -9.06 8.46 17.64
N GLN A 188 -8.76 9.36 16.70
CA GLN A 188 -9.78 9.76 15.73
C GLN A 188 -10.14 8.59 14.83
N VAL A 189 -9.13 7.83 14.40
CA VAL A 189 -9.40 6.66 13.56
C VAL A 189 -10.38 5.74 14.27
N TYR A 190 -10.13 5.48 15.56
CA TYR A 190 -11.00 4.57 16.29
C TYR A 190 -12.38 5.18 16.55
N GLU A 191 -12.43 6.42 17.03
CA GLU A 191 -13.70 6.98 17.51
C GLU A 191 -14.54 7.61 16.40
N GLU A 192 -13.91 8.33 15.47
CA GLU A 192 -14.64 8.97 14.38
C GLU A 192 -14.87 8.05 13.19
N LEU A 193 -13.94 7.12 12.88
CA LEU A 193 -14.16 6.20 11.76
C LEU A 193 -14.80 4.89 12.22
N LEU A 194 -14.16 4.15 13.13
CA LEU A 194 -14.71 2.85 13.52
C LEU A 194 -15.79 2.91 14.61
N ALA A 195 -16.17 4.12 15.09
CA ALA A 195 -17.21 4.25 16.12
C ALA A 195 -16.90 3.44 17.38
N ILE A 196 -15.63 3.43 17.79
CA ILE A 196 -15.15 2.67 18.93
C ILE A 196 -14.50 3.65 19.90
N PRO A 197 -14.94 3.73 21.14
CA PRO A 197 -14.29 4.63 22.10
C PRO A 197 -13.02 4.00 22.66
N VAL A 198 -12.05 4.84 22.98
CA VAL A 198 -10.74 4.39 23.43
C VAL A 198 -10.29 5.27 24.58
N VAL A 199 -9.35 4.75 25.37
CA VAL A 199 -8.75 5.46 26.48
C VAL A 199 -7.32 5.78 26.10
N LYS A 200 -6.98 7.06 26.12
CA LYS A 200 -5.61 7.48 25.86
C LYS A 200 -4.78 7.40 27.13
N GLY A 201 -3.58 6.83 27.02
CA GLY A 201 -2.67 6.93 28.16
C GLY A 201 -1.24 6.52 27.84
N ARG A 202 -0.40 6.56 28.86
CA ARG A 202 0.96 6.03 28.75
C ARG A 202 1.00 4.55 29.14
N LYS A 203 1.91 3.81 28.51
CA LYS A 203 2.17 2.44 28.92
C LYS A 203 3.01 2.41 30.21
N THR A 204 2.87 1.34 30.96
CA THR A 204 3.73 1.18 32.12
C THR A 204 5.14 0.81 31.67
N GLU A 205 6.08 0.86 32.62
CA GLU A 205 7.44 0.45 32.30
C GLU A 205 7.46 -0.95 31.74
N LYS A 206 6.64 -1.84 32.30
CA LYS A 206 6.61 -3.21 31.84
C LYS A 206 6.20 -3.31 30.38
N GLU A 207 5.19 -2.55 29.98
CA GLU A 207 4.55 -2.74 28.68
C GLU A 207 5.13 -1.84 27.60
N LYS A 208 6.03 -0.93 27.95
CA LYS A 208 6.50 0.06 27.01
C LYS A 208 7.42 -0.55 25.96
N PHE A 209 7.52 0.13 24.81
CA PHE A 209 8.27 -0.34 23.65
C PHE A 209 9.74 -0.51 23.98
N ALA A 210 10.26 -1.72 23.83
CA ALA A 210 11.66 -1.97 24.16
C ALA A 210 12.57 -1.13 23.28
N GLY A 211 13.41 -0.32 23.95
CA GLY A 211 14.30 0.60 23.27
C GLY A 211 13.80 2.04 23.19
N GLY A 212 12.65 2.36 23.77
CA GLY A 212 12.14 3.72 23.70
C GLY A 212 12.10 4.38 25.06
N ASP A 213 11.98 5.71 25.08
CA ASP A 213 11.85 6.41 26.35
C ASP A 213 10.49 6.15 26.98
N TYR A 214 9.40 6.38 26.23
CA TYR A 214 8.06 6.10 26.72
C TYR A 214 7.13 5.79 25.54
N THR A 215 6.08 5.05 25.85
CA THR A 215 5.10 4.67 24.85
C THR A 215 3.74 5.23 25.24
N THR A 216 3.00 5.75 24.24
CA THR A 216 1.62 6.16 24.41
C THR A 216 0.69 5.24 23.62
N THR A 217 -0.54 5.11 24.10
CA THR A 217 -1.41 4.08 23.56
C THR A 217 -2.85 4.53 23.66
N ILE A 218 -3.69 3.93 22.82
CA ILE A 218 -5.13 3.96 22.96
C ILE A 218 -5.61 2.53 23.25
N GLU A 219 -6.42 2.38 24.30
CA GLU A 219 -6.97 1.08 24.65
C GLU A 219 -8.45 1.04 24.30
N ALA A 220 -8.92 -0.11 23.82
CA ALA A 220 -10.32 -0.32 23.51
C ALA A 220 -10.85 -1.51 24.31
N PHE A 221 -12.13 -1.49 24.60
CA PHE A 221 -12.74 -2.51 25.42
C PHE A 221 -13.73 -3.34 24.60
N ILE A 222 -13.54 -4.65 24.62
CA ILE A 222 -14.44 -5.61 23.98
C ILE A 222 -15.30 -6.22 25.09
N SER A 223 -16.53 -5.73 25.20
CA SER A 223 -17.41 -6.14 26.29
C SER A 223 -17.85 -7.59 26.15
N ALA A 224 -17.84 -8.13 24.93
CA ALA A 224 -18.30 -9.50 24.71
C ALA A 224 -17.41 -10.50 25.43
N SER A 225 -16.10 -10.24 25.49
CA SER A 225 -15.16 -11.07 26.23
C SER A 225 -14.69 -10.44 27.53
N GLY A 226 -15.16 -9.25 27.85
CA GLY A 226 -14.63 -8.54 29.00
C GLY A 226 -13.20 -8.06 28.86
N ARG A 227 -12.58 -8.22 27.69
CA ARG A 227 -11.13 -7.97 27.58
C ARG A 227 -10.84 -6.64 26.89
N ALA A 228 -9.72 -6.05 27.24
CA ALA A 228 -9.28 -4.85 26.55
C ALA A 228 -8.15 -5.18 25.58
N ILE A 229 -8.00 -4.34 24.57
CA ILE A 229 -6.98 -4.54 23.54
C ILE A 229 -6.40 -3.19 23.14
N GLN A 230 -5.08 -3.15 22.98
CA GLN A 230 -4.42 -1.94 22.49
C GLN A 230 -4.70 -1.73 21.00
N GLY A 231 -5.21 -0.55 20.65
CA GLY A 231 -5.68 -0.33 19.30
C GLY A 231 -4.66 0.29 18.38
N GLY A 232 -3.75 1.09 18.96
CA GLY A 232 -2.71 1.80 18.25
C GLY A 232 -1.68 2.27 19.25
N THR A 233 -0.50 2.63 18.76
CA THR A 233 0.58 2.99 19.67
C THR A 233 1.49 4.03 19.02
N SER A 234 2.05 4.91 19.87
CA SER A 234 2.93 5.99 19.41
C SER A 234 4.04 6.18 20.43
N HIS A 235 5.30 5.90 20.05
CA HIS A 235 6.42 5.87 20.99
C HIS A 235 7.31 7.10 20.85
N HIS A 236 7.85 7.54 21.98
CA HIS A 236 9.01 8.43 22.00
C HIS A 236 10.24 7.57 22.29
N LEU A 237 11.13 7.45 21.32
CA LEU A 237 12.34 6.69 21.52
C LEU A 237 13.47 7.54 22.07
N GLY A 238 13.31 8.85 22.03
CA GLY A 238 14.35 9.70 22.62
C GLY A 238 15.62 9.63 21.80
N GLN A 239 16.75 9.43 22.47
CA GLN A 239 18.03 9.28 21.78
C GLN A 239 18.56 7.86 21.84
N ASN A 240 17.74 6.88 22.27
CA ASN A 240 18.24 5.53 22.47
C ASN A 240 18.61 4.85 21.16
N PHE A 241 17.95 5.20 20.07
CA PHE A 241 18.36 4.62 18.79
C PHE A 241 19.41 5.47 18.09
N SER A 242 19.31 6.79 18.18
CA SER A 242 20.26 7.64 17.45
C SER A 242 21.68 7.45 17.96
N LYS A 243 21.87 7.15 19.25
CA LYS A 243 23.20 6.92 19.78
C LYS A 243 23.79 5.60 19.30
N MET A 244 22.95 4.64 18.90
CA MET A 244 23.39 3.34 18.40
C MET A 244 23.64 3.32 16.90
N PHE A 245 22.90 4.12 16.12
CA PHE A 245 23.07 4.20 14.67
C PHE A 245 23.81 5.46 14.23
N GLU A 246 24.25 6.28 15.19
CA GLU A 246 24.98 7.53 14.93
C GLU A 246 24.22 8.44 13.97
N ILE A 247 22.95 8.68 14.28
CA ILE A 247 22.21 9.80 13.70
C ILE A 247 22.61 11.03 14.49
N VAL A 248 23.63 11.74 13.98
CA VAL A 248 24.19 12.90 14.65
C VAL A 248 24.25 14.06 13.66
N PHE A 249 23.93 15.24 14.15
CA PHE A 249 24.16 16.47 13.43
C PHE A 249 25.09 17.34 14.27
N GLU A 250 25.75 18.31 13.64
CA GLU A 250 26.64 19.21 14.36
C GLU A 250 26.03 20.61 14.35
N ASP A 251 25.84 21.16 15.55
CA ASP A 251 24.95 22.30 15.75
C ASP A 251 25.60 23.62 15.30
N PRO A 252 24.79 24.61 14.99
CA PRO A 252 25.33 25.96 14.78
C PRO A 252 25.82 26.55 16.09
N LYS A 253 24.94 26.48 17.10
CA LYS A 253 25.22 27.04 18.41
C LYS A 253 26.31 26.27 19.14
N ILE A 254 26.32 24.93 19.03
CA ILE A 254 27.22 24.10 19.83
C ILE A 254 28.39 23.58 19.00
N PRO A 255 29.52 24.29 18.93
CA PRO A 255 30.65 23.85 18.11
C PRO A 255 31.19 22.47 18.50
N GLY A 256 31.55 21.69 17.48
CA GLY A 256 32.28 20.44 17.63
C GLY A 256 31.55 19.32 18.33
N GLU A 257 30.43 19.60 19.00
CA GLU A 257 29.71 18.57 19.77
C GLU A 257 28.66 17.93 18.88
N LYS A 258 28.78 16.61 18.71
CA LYS A 258 27.77 15.81 18.02
C LYS A 258 26.46 15.82 18.80
N GLN A 259 25.36 16.03 18.09
CA GLN A 259 24.02 16.06 18.66
C GLN A 259 23.23 14.88 18.15
N PHE A 260 22.62 14.14 19.06
CA PHE A 260 21.82 12.99 18.67
C PHE A 260 20.39 13.43 18.40
N ALA A 261 19.84 12.93 17.31
CA ALA A 261 18.45 13.20 16.98
C ALA A 261 17.52 12.60 18.03
N TYR A 262 16.45 13.33 18.32
CA TYR A 262 15.35 12.85 19.14
C TYR A 262 14.35 12.16 18.23
N GLN A 263 13.89 10.97 18.62
CA GLN A 263 13.10 10.20 17.66
C GLN A 263 11.82 9.64 18.25
N ASN A 264 10.84 9.51 17.36
CA ASN A 264 9.56 8.85 17.62
C ASN A 264 9.33 7.79 16.55
N SER A 265 8.57 6.76 16.93
CA SER A 265 7.98 5.88 15.93
C SER A 265 6.56 5.60 16.39
N TRP A 266 5.71 5.26 15.43
CA TRP A 266 4.30 5.15 15.76
C TRP A 266 3.67 4.25 14.72
N GLY A 267 2.71 3.46 15.18
CA GLY A 267 2.25 2.34 14.36
C GLY A 267 0.79 2.06 14.58
N LEU A 268 0.14 1.57 13.52
CA LEU A 268 -1.26 1.18 13.55
C LEU A 268 -1.48 0.07 12.53
N THR A 269 -2.29 -0.93 12.88
CA THR A 269 -2.37 -2.16 12.11
C THR A 269 -3.81 -2.52 11.77
N THR A 270 -3.97 -3.58 10.98
CA THR A 270 -5.32 -4.03 10.59
C THR A 270 -6.06 -4.65 11.75
N ARG A 271 -5.40 -4.77 12.92
CA ARG A 271 -6.07 -5.10 14.16
C ARG A 271 -7.35 -4.26 14.29
N THR A 272 -7.29 -3.01 13.85
CA THR A 272 -8.48 -2.15 13.76
C THR A 272 -9.74 -2.91 13.34
N ILE A 273 -9.66 -3.59 12.20
CA ILE A 273 -10.83 -4.27 11.64
C ILE A 273 -11.37 -5.32 12.61
N GLY A 274 -10.46 -6.10 13.22
CA GLY A 274 -10.86 -7.03 14.26
C GLY A 274 -11.65 -6.38 15.37
N VAL A 275 -11.15 -5.25 15.89
CA VAL A 275 -11.84 -4.56 16.96
C VAL A 275 -13.23 -4.13 16.49
N MET A 276 -13.30 -3.63 15.24
CA MET A 276 -14.58 -3.16 14.70
C MET A 276 -15.58 -4.30 14.66
N THR A 277 -15.10 -5.52 14.41
CA THR A 277 -15.96 -6.71 14.41
C THR A 277 -16.44 -7.04 15.82
N MET A 278 -15.55 -6.98 16.80
CA MET A 278 -15.86 -7.49 18.13
C MET A 278 -16.82 -6.58 18.88
N VAL A 279 -16.75 -5.27 18.64
CA VAL A 279 -17.60 -4.32 19.33
C VAL A 279 -18.99 -4.26 18.69
N HIS A 280 -19.04 -3.94 17.40
CA HIS A 280 -20.32 -3.67 16.73
C HIS A 280 -21.03 -4.92 16.22
N GLY A 281 -20.30 -6.00 15.95
CA GLY A 281 -20.93 -7.19 15.40
C GLY A 281 -22.05 -7.70 16.27
N ASP A 282 -23.07 -8.29 15.64
CA ASP A 282 -24.18 -8.92 16.38
C ASP A 282 -24.48 -10.29 15.78
N ASN A 283 -25.66 -10.83 16.08
CA ASN A 283 -25.99 -12.21 15.69
C ASN A 283 -26.56 -12.33 14.28
N MET A 284 -26.74 -11.23 13.56
CA MET A 284 -26.99 -11.29 12.12
C MET A 284 -25.69 -11.27 11.33
N GLY A 285 -24.58 -10.89 11.95
CA GLY A 285 -23.34 -10.80 11.21
C GLY A 285 -22.54 -9.55 11.49
N LEU A 286 -21.80 -9.13 10.49
CA LEU A 286 -21.02 -7.92 10.57
C LEU A 286 -21.92 -6.69 10.67
N VAL A 287 -21.43 -5.62 11.33
CA VAL A 287 -22.10 -4.32 11.28
C VAL A 287 -21.09 -3.24 10.91
N LEU A 288 -21.29 -2.60 9.77
CA LEU A 288 -20.24 -1.64 9.45
C LEU A 288 -20.61 -0.23 9.91
N PRO A 289 -19.67 0.54 10.44
CA PRO A 289 -19.89 1.97 10.58
C PRO A 289 -19.86 2.65 9.22
N PRO A 290 -20.80 3.54 8.96
CA PRO A 290 -20.91 4.14 7.63
C PRO A 290 -19.63 4.78 7.13
N ARG A 291 -18.78 5.30 8.00
CA ARG A 291 -17.63 6.03 7.47
C ARG A 291 -16.55 5.12 6.89
N VAL A 292 -16.61 3.80 7.10
CA VAL A 292 -15.63 2.89 6.51
C VAL A 292 -16.29 1.80 5.68
N ALA A 293 -17.61 1.73 5.65
CA ALA A 293 -18.25 0.65 4.94
C ALA A 293 -17.98 0.78 3.43
N CYS A 294 -17.55 -0.34 2.83
CA CYS A 294 -17.31 -0.38 1.39
C CYS A 294 -18.53 0.12 0.63
N VAL A 295 -19.70 -0.42 0.99
CA VAL A 295 -20.99 -0.03 0.44
C VAL A 295 -21.84 0.46 1.60
N GLN A 296 -22.24 1.73 1.55
CA GLN A 296 -23.09 2.23 2.65
C GLN A 296 -24.56 1.89 2.41
N VAL A 297 -25.01 1.93 1.14
CA VAL A 297 -26.39 1.62 0.77
C VAL A 297 -26.37 0.56 -0.33
N VAL A 298 -27.13 -0.51 -0.11
CA VAL A 298 -27.34 -1.58 -1.10
C VAL A 298 -28.78 -1.50 -1.59
N ILE A 299 -28.97 -1.52 -2.92
CA ILE A 299 -30.29 -1.44 -3.55
C ILE A 299 -30.67 -2.81 -4.06
N ILE A 300 -31.76 -3.37 -3.52
CA ILE A 300 -32.25 -4.68 -3.90
C ILE A 300 -33.63 -4.50 -4.52
N PRO A 301 -33.86 -5.04 -5.73
CA PRO A 301 -35.23 -5.08 -6.27
C PRO A 301 -36.05 -6.18 -5.62
N CYS A 302 -37.29 -5.82 -5.30
CA CYS A 302 -38.24 -6.72 -4.66
C CYS A 302 -39.32 -7.13 -5.68
N GLY A 303 -40.12 -8.12 -5.29
CA GLY A 303 -41.15 -8.64 -6.18
C GLY A 303 -40.59 -9.19 -7.48
N SER A 309 -44.31 -9.30 -14.27
CA SER A 309 -44.57 -8.73 -15.60
C SER A 309 -43.23 -8.46 -16.28
N GLU A 310 -43.24 -7.82 -17.44
CA GLU A 310 -42.00 -7.67 -18.22
C GLU A 310 -41.59 -6.22 -18.40
N GLU A 311 -42.47 -5.38 -18.92
CA GLU A 311 -42.23 -3.94 -18.88
C GLU A 311 -41.98 -3.48 -17.44
N ASP A 312 -42.77 -4.02 -16.50
CA ASP A 312 -42.61 -3.65 -15.09
C ASP A 312 -41.24 -4.08 -14.56
N LYS A 313 -40.77 -5.27 -14.94
CA LYS A 313 -39.46 -5.75 -14.51
C LYS A 313 -38.33 -4.85 -15.02
N GLU A 314 -38.35 -4.52 -16.32
CA GLU A 314 -37.32 -3.62 -16.86
C GLU A 314 -37.38 -2.23 -16.23
N ALA A 315 -38.59 -1.70 -16.01
CA ALA A 315 -38.72 -0.40 -15.37
C ALA A 315 -38.24 -0.44 -13.92
N LEU A 316 -38.45 -1.57 -13.24
CA LEU A 316 -37.97 -1.70 -11.87
C LEU A 316 -36.45 -1.64 -11.81
N ILE A 317 -35.77 -2.43 -12.64
CA ILE A 317 -34.31 -2.35 -12.53
C ILE A 317 -33.81 -1.00 -13.00
N ALA A 318 -34.54 -0.35 -13.91
CA ALA A 318 -34.14 1.01 -14.25
C ALA A 318 -34.30 1.97 -13.07
N LYS A 319 -35.33 1.77 -12.24
CA LYS A 319 -35.50 2.65 -11.07
C LYS A 319 -34.40 2.40 -10.04
N CYS A 320 -34.01 1.13 -9.87
CA CYS A 320 -32.89 0.84 -9.00
C CYS A 320 -31.63 1.57 -9.45
N ASN A 321 -31.37 1.57 -10.76
CA ASN A 321 -30.18 2.27 -11.22
C ASN A 321 -30.33 3.78 -11.09
N ASP A 322 -31.57 4.28 -11.17
CA ASP A 322 -31.81 5.70 -10.90
C ASP A 322 -31.34 6.06 -9.50
N TYR A 323 -31.71 5.24 -8.51
CA TYR A 323 -31.26 5.49 -7.13
C TYR A 323 -29.75 5.36 -7.02
N ARG A 324 -29.18 4.35 -7.68
CA ARG A 324 -27.73 4.16 -7.69
C ARG A 324 -27.00 5.42 -8.13
N ARG A 325 -27.35 5.94 -9.31
CA ARG A 325 -26.66 7.13 -9.81
C ARG A 325 -26.91 8.33 -8.92
N ARG A 326 -28.17 8.52 -8.48
CA ARG A 326 -28.48 9.62 -7.58
C ARG A 326 -27.58 9.60 -6.35
N LEU A 327 -27.38 8.40 -5.77
CA LEU A 327 -26.56 8.28 -4.58
C LEU A 327 -25.08 8.46 -4.90
N LEU A 328 -24.62 7.84 -6.00
CA LEU A 328 -23.26 8.05 -6.49
C LEU A 328 -22.91 9.53 -6.56
N SER A 329 -23.84 10.35 -7.07
CA SER A 329 -23.57 11.76 -7.29
C SER A 329 -23.52 12.56 -5.98
N VAL A 330 -23.98 12.00 -4.85
CA VAL A 330 -23.84 12.66 -3.54
C VAL A 330 -22.80 11.96 -2.66
N ASN A 331 -21.86 11.23 -3.25
CA ASN A 331 -20.73 10.61 -2.53
C ASN A 331 -21.20 9.64 -1.45
N ILE A 332 -22.31 8.97 -1.71
CA ILE A 332 -22.71 7.81 -0.96
C ILE A 332 -22.27 6.61 -1.78
N ARG A 333 -21.57 5.69 -1.14
CA ARG A 333 -21.11 4.50 -1.84
C ARG A 333 -22.26 3.49 -1.88
N VAL A 334 -22.50 2.93 -3.06
CA VAL A 334 -23.78 2.28 -3.34
C VAL A 334 -23.55 1.14 -4.31
N ARG A 335 -24.20 0.00 -4.04
CA ARG A 335 -24.25 -1.12 -4.97
C ARG A 335 -25.70 -1.48 -5.28
N ALA A 336 -25.97 -1.78 -6.55
CA ALA A 336 -27.25 -2.31 -6.98
C ALA A 336 -27.10 -3.81 -7.19
N ASP A 337 -27.67 -4.61 -6.29
CA ASP A 337 -27.63 -6.06 -6.43
C ASP A 337 -28.78 -6.48 -7.34
N LEU A 338 -28.47 -6.59 -8.64
CA LEU A 338 -29.43 -6.80 -9.70
C LEU A 338 -29.26 -8.16 -10.37
N ARG A 339 -28.98 -9.20 -9.60
CA ARG A 339 -28.76 -10.53 -10.16
C ARG A 339 -30.08 -11.29 -10.25
N ASP A 340 -30.31 -11.94 -11.40
CA ASP A 340 -31.48 -12.81 -11.54
C ASP A 340 -31.33 -14.09 -10.73
N ASN A 341 -30.15 -14.31 -10.14
CA ASN A 341 -29.75 -15.58 -9.58
C ASN A 341 -30.21 -15.81 -8.15
N TYR A 342 -30.74 -14.81 -7.45
CA TYR A 342 -31.09 -15.02 -6.05
C TYR A 342 -32.32 -14.20 -5.67
N SER A 343 -33.07 -14.74 -4.71
CA SER A 343 -34.26 -14.12 -4.14
C SER A 343 -33.94 -12.72 -3.60
N PRO A 344 -34.96 -11.88 -3.44
CA PRO A 344 -34.79 -10.71 -2.56
C PRO A 344 -34.25 -11.11 -1.20
N GLY A 345 -34.88 -12.08 -0.54
CA GLY A 345 -34.51 -12.41 0.84
C GLY A 345 -33.09 -12.91 0.97
N TRP A 346 -32.61 -13.66 -0.03
CA TRP A 346 -31.22 -14.09 0.00
C TRP A 346 -30.29 -12.89 -0.05
N LYS A 347 -30.66 -11.87 -0.83
CA LYS A 347 -29.86 -10.65 -0.82
C LYS A 347 -29.96 -9.93 0.51
N PHE A 348 -31.17 -9.85 1.09
CA PHE A 348 -31.27 -9.29 2.43
C PHE A 348 -30.24 -9.95 3.34
N ASN A 349 -30.19 -11.27 3.32
CA ASN A 349 -29.31 -12.02 4.19
C ASN A 349 -27.84 -11.78 3.87
N HIS A 350 -27.47 -11.90 2.60
CA HIS A 350 -26.08 -11.70 2.17
C HIS A 350 -25.56 -10.34 2.62
N TRP A 351 -26.32 -9.28 2.33
CA TRP A 351 -25.85 -7.94 2.67
C TRP A 351 -25.98 -7.63 4.15
N GLU A 352 -26.85 -8.32 4.89
CA GLU A 352 -26.85 -8.18 6.34
C GLU A 352 -25.60 -8.80 6.93
N LEU A 353 -25.21 -9.98 6.42
CA LEU A 353 -23.98 -10.62 6.85
C LEU A 353 -22.77 -9.71 6.60
N LYS A 354 -22.73 -9.09 5.41
CA LYS A 354 -21.62 -8.19 5.10
C LYS A 354 -21.70 -6.87 5.86
N GLY A 355 -22.84 -6.58 6.49
CA GLY A 355 -22.93 -5.44 7.39
C GLY A 355 -23.24 -4.08 6.77
N VAL A 356 -23.92 -4.05 5.63
CA VAL A 356 -24.22 -2.81 4.89
C VAL A 356 -25.14 -1.93 5.73
N PRO A 357 -24.82 -0.64 5.94
CA PRO A 357 -25.59 0.15 6.91
C PRO A 357 -27.06 0.33 6.55
N ILE A 358 -27.40 0.47 5.28
CA ILE A 358 -28.78 0.67 4.83
C ILE A 358 -29.07 -0.26 3.67
N ARG A 359 -30.21 -0.93 3.74
CA ARG A 359 -30.73 -1.68 2.61
C ARG A 359 -31.83 -0.85 1.97
N LEU A 360 -31.82 -0.82 0.64
CA LEU A 360 -32.80 -0.05 -0.13
C LEU A 360 -33.70 -1.01 -0.86
N GLU A 361 -34.95 -1.11 -0.40
CA GLU A 361 -35.95 -1.97 -1.02
C GLU A 361 -36.79 -1.14 -1.98
N VAL A 362 -36.95 -1.66 -3.20
CA VAL A 362 -37.73 -1.03 -4.26
C VAL A 362 -38.61 -2.10 -4.87
N GLY A 363 -39.91 -2.05 -4.59
CA GLY A 363 -40.87 -2.90 -5.24
C GLY A 363 -41.86 -2.10 -6.05
N PRO A 364 -42.56 -2.76 -6.96
CA PRO A 364 -43.44 -2.03 -7.91
C PRO A 364 -44.49 -1.14 -7.24
N ARG A 365 -45.10 -1.58 -6.15
CA ARG A 365 -46.04 -0.71 -5.45
C ARG A 365 -45.35 0.55 -4.98
N ASP A 366 -44.25 0.40 -4.25
CA ASP A 366 -43.45 1.55 -3.83
C ASP A 366 -42.90 2.30 -5.04
N MET A 367 -42.64 1.60 -6.14
CA MET A 367 -42.08 2.27 -7.29
C MET A 367 -43.10 3.19 -7.94
N LYS A 368 -44.37 2.82 -7.94
CA LYS A 368 -45.36 3.64 -8.60
C LYS A 368 -46.03 4.64 -7.66
N SER A 369 -46.01 4.38 -6.34
CA SER A 369 -46.33 5.41 -5.35
C SER A 369 -45.15 6.33 -5.06
N CYS A 370 -44.13 6.31 -5.92
CA CYS A 370 -42.94 7.15 -5.82
C CYS A 370 -42.35 7.14 -4.40
N GLN A 371 -41.93 5.96 -3.96
CA GLN A 371 -41.35 5.80 -2.62
C GLN A 371 -40.44 4.58 -2.62
N PHE A 372 -39.84 4.31 -1.46
CA PHE A 372 -38.96 3.17 -1.30
C PHE A 372 -38.86 2.87 0.18
N VAL A 373 -38.19 1.77 0.53
CA VAL A 373 -38.03 1.38 1.93
C VAL A 373 -36.55 1.38 2.28
N ALA A 374 -36.23 1.96 3.43
CA ALA A 374 -34.89 1.99 3.98
C ALA A 374 -34.87 1.15 5.25
N VAL A 375 -34.04 0.11 5.25
CA VAL A 375 -33.84 -0.74 6.43
C VAL A 375 -32.47 -0.45 7.03
N ARG A 376 -32.46 0.02 8.29
CA ARG A 376 -31.23 0.23 9.03
C ARG A 376 -30.67 -1.10 9.52
N ARG A 377 -29.35 -1.26 9.42
CA ARG A 377 -28.71 -2.52 9.79
C ARG A 377 -28.51 -2.63 11.31
N ASP A 378 -28.15 -1.54 11.96
CA ASP A 378 -27.88 -1.58 13.41
C ASP A 378 -29.14 -1.92 14.20
N THR A 379 -30.26 -1.27 13.88
CA THR A 379 -31.48 -1.40 14.68
C THR A 379 -32.54 -2.27 14.02
N GLY A 380 -32.49 -2.48 12.72
CA GLY A 380 -33.55 -3.19 12.02
C GLY A 380 -34.73 -2.35 11.60
N GLU A 381 -34.86 -1.13 12.15
CA GLU A 381 -35.99 -0.25 11.85
C GLU A 381 -36.16 -0.03 10.34
N LYS A 382 -37.39 -0.22 9.86
CA LYS A 382 -37.75 -0.01 8.46
C LYS A 382 -38.52 1.30 8.34
N LEU A 383 -38.16 2.12 7.35
CA LEU A 383 -38.82 3.39 7.05
C LEU A 383 -39.31 3.39 5.61
N THR A 384 -40.44 4.05 5.38
CA THR A 384 -40.87 4.41 4.03
C THR A 384 -40.45 5.85 3.75
N VAL A 385 -39.78 6.05 2.62
CA VAL A 385 -39.23 7.33 2.24
C VAL A 385 -39.76 7.70 0.86
N ALA A 386 -40.16 8.95 0.69
CA ALA A 386 -40.54 9.44 -0.62
C ALA A 386 -39.31 9.52 -1.54
N GLU A 387 -39.50 9.11 -2.80
CA GLU A 387 -38.43 9.12 -3.81
C GLU A 387 -37.64 10.43 -3.78
N ASN A 388 -38.35 11.55 -3.88
CA ASN A 388 -37.80 12.90 -3.75
C ASN A 388 -36.71 13.05 -2.69
N GLU A 389 -36.88 12.43 -1.53
CA GLU A 389 -36.05 12.73 -0.36
C GLU A 389 -34.85 11.81 -0.21
N ALA A 390 -34.63 10.89 -1.15
CA ALA A 390 -33.61 9.86 -0.94
C ALA A 390 -32.27 10.46 -0.49
N GLU A 391 -31.64 11.26 -1.36
CA GLU A 391 -30.32 11.81 -1.05
C GLU A 391 -30.29 12.45 0.34
N THR A 392 -31.33 13.19 0.71
CA THR A 392 -31.35 13.81 2.04
C THR A 392 -31.44 12.74 3.11
N LYS A 393 -32.52 11.95 3.07
CA LYS A 393 -32.87 11.11 4.20
C LYS A 393 -31.79 10.06 4.45
N LEU A 394 -31.34 9.39 3.40
CA LEU A 394 -30.31 8.37 3.57
C LEU A 394 -29.06 8.96 4.19
N GLN A 395 -28.66 10.18 3.76
CA GLN A 395 -27.52 10.81 4.41
C GLN A 395 -27.75 10.91 5.90
N ALA A 396 -28.88 11.50 6.29
CA ALA A 396 -29.23 11.61 7.71
C ALA A 396 -29.18 10.25 8.39
N ILE A 397 -29.81 9.23 7.79
CA ILE A 397 -29.83 7.91 8.42
C ILE A 397 -28.41 7.42 8.61
N LEU A 398 -27.59 7.51 7.54
CA LEU A 398 -26.19 7.12 7.65
C LEU A 398 -25.53 7.81 8.83
N GLU A 399 -25.73 9.14 8.91
CA GLU A 399 -25.12 9.89 10.00
C GLU A 399 -25.61 9.36 11.33
N ASP A 400 -26.94 9.16 11.45
CA ASP A 400 -27.47 8.70 12.71
C ASP A 400 -26.96 7.32 13.08
N ILE A 401 -26.71 6.46 12.09
CA ILE A 401 -26.20 5.12 12.43
C ILE A 401 -24.83 5.26 13.09
N GLN A 402 -23.96 6.07 12.51
CA GLN A 402 -22.60 6.19 13.03
C GLN A 402 -22.63 6.61 14.50
N VAL A 403 -23.32 7.72 14.79
CA VAL A 403 -23.52 8.20 16.17
C VAL A 403 -24.06 7.06 17.04
N THR A 404 -25.13 6.40 16.57
CA THR A 404 -25.77 5.36 17.37
C THR A 404 -24.75 4.32 17.79
N LEU A 405 -23.93 3.88 16.84
CA LEU A 405 -22.94 2.86 17.16
C LEU A 405 -21.99 3.38 18.22
N PHE A 406 -21.43 4.57 17.98
CA PHE A 406 -20.49 5.11 18.95
C PHE A 406 -21.15 5.21 20.31
N THR A 407 -22.39 5.71 20.33
CA THR A 407 -23.06 5.92 21.60
C THR A 407 -23.22 4.61 22.34
N ARG A 408 -23.68 3.57 21.64
CA ARG A 408 -23.85 2.27 22.30
C ARG A 408 -22.53 1.82 22.89
N ALA A 409 -21.47 1.88 22.07
CA ALA A 409 -20.18 1.41 22.54
C ALA A 409 -19.68 2.24 23.71
N SER A 410 -19.89 3.57 23.66
CA SER A 410 -19.43 4.38 24.77
C SER A 410 -20.19 4.03 26.04
N GLU A 411 -21.50 3.81 25.92
CA GLU A 411 -22.25 3.44 27.12
C GLU A 411 -21.72 2.15 27.73
N ASP A 412 -21.20 1.25 26.90
CA ASP A 412 -20.57 0.04 27.42
C ASP A 412 -19.31 0.38 28.21
N LEU A 413 -18.41 1.18 27.61
CA LEU A 413 -17.13 1.46 28.26
C LEU A 413 -17.34 2.12 29.62
N LYS A 414 -18.20 3.09 29.68
CA LYS A 414 -18.49 3.81 30.89
C LYS A 414 -19.03 2.96 31.98
N THR A 415 -19.68 1.89 31.64
CA THR A 415 -20.27 1.02 32.63
C THR A 415 -19.34 -0.10 33.01
N HIS A 416 -18.21 -0.21 32.33
CA HIS A 416 -17.27 -1.29 32.56
C HIS A 416 -15.92 -0.80 33.03
N MET A 417 -15.74 0.50 33.18
CA MET A 417 -14.48 1.08 33.62
C MET A 417 -14.82 1.83 34.89
N VAL A 418 -14.46 1.23 36.02
CA VAL A 418 -14.71 1.80 37.33
C VAL A 418 -13.41 1.80 38.14
N VAL A 419 -13.46 2.51 39.26
CA VAL A 419 -12.30 2.73 40.13
C VAL A 419 -12.35 1.76 41.29
N ALA A 420 -11.20 1.20 41.65
CA ALA A 420 -11.10 0.47 42.91
C ALA A 420 -9.81 0.91 43.58
N ASN A 421 -9.86 1.07 44.90
CA ASN A 421 -8.73 1.65 45.62
C ASN A 421 -7.98 0.67 46.49
N THR A 422 -8.40 -0.60 46.50
CA THR A 422 -7.73 -1.64 47.25
C THR A 422 -7.66 -2.89 46.39
N MET A 423 -6.78 -3.80 46.79
CA MET A 423 -6.61 -5.03 46.01
C MET A 423 -7.89 -5.86 45.97
N GLU A 424 -8.57 -6.00 47.12
CA GLU A 424 -9.76 -6.86 47.17
C GLU A 424 -10.89 -6.34 46.29
N ASP A 425 -11.14 -5.03 46.34
CA ASP A 425 -12.12 -4.43 45.43
C ASP A 425 -11.73 -4.66 43.99
N PHE A 426 -10.46 -4.38 43.66
CA PHE A 426 -9.95 -4.61 42.32
C PHE A 426 -10.24 -6.05 41.89
N GLN A 427 -9.90 -7.02 42.72
CA GLN A 427 -10.15 -8.42 42.41
C GLN A 427 -11.62 -8.67 42.10
N LYS A 428 -12.51 -8.24 43.02
CA LYS A 428 -13.94 -8.55 42.86
C LYS A 428 -14.50 -7.92 41.59
N ILE A 429 -14.15 -6.67 41.32
CA ILE A 429 -14.66 -5.99 40.13
C ILE A 429 -14.07 -6.61 38.87
N LEU A 430 -12.82 -7.05 38.93
CA LEU A 430 -12.19 -7.60 37.74
C LEU A 430 -12.78 -8.96 37.41
N ASP A 431 -13.11 -9.74 38.43
CA ASP A 431 -13.80 -10.99 38.17
C ASP A 431 -15.25 -10.76 37.77
N SER A 432 -15.80 -9.58 38.09
CA SER A 432 -17.11 -9.13 37.63
C SER A 432 -17.20 -8.83 36.13
N GLY A 433 -16.10 -8.87 35.37
CA GLY A 433 -16.16 -8.56 33.96
C GLY A 433 -15.68 -7.18 33.53
N LYS A 434 -15.27 -6.33 34.48
CA LYS A 434 -14.94 -4.94 34.18
C LYS A 434 -13.42 -4.73 34.10
N ILE A 435 -13.03 -3.51 33.67
CA ILE A 435 -11.64 -3.06 33.68
C ILE A 435 -11.55 -1.88 34.64
N VAL A 436 -10.45 -1.80 35.40
CA VAL A 436 -10.45 -1.06 36.65
C VAL A 436 -9.26 -0.12 36.69
N GLN A 437 -9.50 1.13 37.08
CA GLN A 437 -8.45 2.09 37.38
C GLN A 437 -8.12 2.00 38.87
N ILE A 438 -6.88 1.62 39.18
CA ILE A 438 -6.43 1.40 40.55
C ILE A 438 -5.20 2.26 40.80
N PRO A 439 -4.94 2.69 42.04
CA PRO A 439 -3.66 3.35 42.34
C PRO A 439 -2.50 2.36 42.22
N PHE A 440 -1.44 2.76 41.50
CA PHE A 440 -0.38 1.84 41.09
C PHE A 440 0.98 2.47 41.34
N CYS A 441 1.88 1.66 41.88
CA CYS A 441 3.21 2.12 42.22
C CYS A 441 4.16 2.14 41.01
N GLY A 442 3.77 1.51 39.89
CA GLY A 442 4.50 1.63 38.65
C GLY A 442 5.53 0.54 38.39
N GLU A 443 6.08 -0.06 39.43
CA GLU A 443 7.21 -0.95 39.30
C GLU A 443 6.81 -2.20 38.50
N ILE A 444 7.70 -2.61 37.60
CA ILE A 444 7.46 -3.79 36.79
C ILE A 444 7.10 -4.99 37.65
N ASP A 445 7.83 -5.20 38.75
CA ASP A 445 7.55 -6.40 39.54
C ASP A 445 6.17 -6.36 40.19
N CYS A 446 5.75 -5.16 40.65
CA CYS A 446 4.41 -5.00 41.19
C CYS A 446 3.40 -5.45 40.16
N GLU A 447 3.58 -5.05 38.91
CA GLU A 447 2.70 -5.48 37.83
C GLU A 447 2.75 -7.00 37.66
N ASP A 448 3.92 -7.60 37.79
CA ASP A 448 4.00 -9.07 37.73
C ASP A 448 3.18 -9.72 38.83
N TRP A 449 3.32 -9.24 40.06
CA TRP A 449 2.60 -9.79 41.20
C TRP A 449 1.11 -9.58 41.05
N ILE A 450 0.70 -8.41 40.53
CA ILE A 450 -0.70 -8.17 40.20
C ILE A 450 -1.18 -9.26 39.26
N LYS A 451 -0.42 -9.49 38.18
CA LYS A 451 -0.81 -10.51 37.23
C LYS A 451 -0.96 -11.86 37.91
N LYS A 452 0.02 -12.23 38.70
CA LYS A 452 0.01 -13.51 39.35
C LYS A 452 -1.09 -13.77 40.32
N THR A 453 -1.37 -12.83 41.17
CA THR A 453 -2.39 -13.04 42.20
C THR A 453 -3.82 -12.80 41.68
N THR A 454 -4.01 -11.96 40.66
CA THR A 454 -5.37 -11.86 40.13
C THR A 454 -5.76 -13.15 39.41
N ALA A 455 -4.78 -13.90 38.89
CA ALA A 455 -5.04 -15.25 38.37
C ALA A 455 -5.27 -16.24 39.50
N ARG A 456 -4.45 -16.16 40.55
CA ARG A 456 -4.59 -17.08 41.67
C ARG A 456 -5.94 -16.92 42.36
N ASP A 457 -6.36 -15.68 42.60
CA ASP A 457 -7.52 -15.42 43.45
C ASP A 457 -8.82 -15.27 42.66
N GLN A 458 -8.81 -15.68 41.39
CA GLN A 458 -9.94 -15.45 40.51
C GLN A 458 -11.13 -16.33 40.86
N ASP A 459 -12.28 -15.71 41.09
CA ASP A 459 -13.56 -16.37 41.22
C ASP A 459 -14.20 -16.40 39.82
N LEU A 460 -14.19 -17.56 39.18
CA LEU A 460 -14.58 -17.69 37.79
C LEU A 460 -16.08 -17.48 37.60
N GLU A 461 -16.45 -16.49 36.80
CA GLU A 461 -17.82 -16.28 36.33
C GLU A 461 -18.09 -17.18 35.11
N PRO A 462 -19.34 -17.57 34.87
CA PRO A 462 -19.62 -18.47 33.73
C PRO A 462 -19.16 -17.86 32.41
N GLY A 463 -18.29 -18.61 31.72
CA GLY A 463 -17.76 -18.23 30.42
C GLY A 463 -16.69 -17.16 30.44
N ALA A 464 -16.37 -16.61 31.61
CA ALA A 464 -15.36 -15.56 31.74
C ALA A 464 -13.96 -16.10 31.43
N PRO A 465 -13.07 -15.26 30.92
CA PRO A 465 -11.71 -15.73 30.62
C PRO A 465 -10.87 -15.94 31.89
N SER A 466 -10.09 -17.03 31.89
CA SER A 466 -9.26 -17.40 33.03
C SER A 466 -7.82 -16.98 32.77
N MET A 467 -7.43 -15.85 33.35
CA MET A 467 -6.12 -15.25 33.14
C MET A 467 -5.95 -14.16 34.20
N GLY A 468 -4.72 -13.67 34.33
CA GLY A 468 -4.47 -12.57 35.24
C GLY A 468 -4.67 -11.22 34.56
N ALA A 469 -4.94 -10.20 35.39
CA ALA A 469 -4.97 -8.84 34.87
C ALA A 469 -3.58 -8.39 34.43
N LYS A 470 -3.53 -7.64 33.33
CA LYS A 470 -2.35 -6.88 32.93
C LYS A 470 -2.67 -5.40 33.01
N SER A 471 -1.63 -4.56 33.01
CA SER A 471 -1.88 -3.14 32.88
C SER A 471 -2.24 -2.84 31.44
N LEU A 472 -3.25 -1.99 31.25
CA LEU A 472 -3.62 -1.52 29.92
C LEU A 472 -2.96 -0.17 29.63
N CYS A 473 -3.27 0.85 30.43
CA CYS A 473 -2.56 2.11 30.21
C CYS A 473 -2.63 2.94 31.48
N ILE A 474 -1.80 3.98 31.54
CA ILE A 474 -1.96 5.00 32.58
C ILE A 474 -2.73 6.16 31.95
N PRO A 475 -4.01 6.33 32.26
CA PRO A 475 -4.84 7.28 31.50
C PRO A 475 -4.36 8.71 31.66
N PHE A 476 -4.48 9.49 30.59
CA PHE A 476 -4.13 10.89 30.70
C PHE A 476 -5.12 11.61 31.59
N LYS A 477 -6.39 11.23 31.48
CA LYS A 477 -7.49 11.80 32.26
C LYS A 477 -8.10 10.67 33.09
N PRO A 478 -7.52 10.33 34.24
CA PRO A 478 -8.11 9.30 35.10
C PRO A 478 -9.53 9.69 35.54
N LEU A 479 -10.34 8.65 35.82
CA LEU A 479 -11.69 8.87 36.36
C LEU A 479 -11.66 9.67 37.64
N CYS A 480 -10.79 9.30 38.58
CA CYS A 480 -10.59 10.00 39.83
C CYS A 480 -9.19 10.58 39.88
N GLU A 481 -8.96 11.45 40.85
CA GLU A 481 -7.65 12.06 41.06
C GLU A 481 -7.01 11.44 42.28
N LEU A 482 -5.80 10.92 42.10
CA LEU A 482 -5.06 10.21 43.13
C LEU A 482 -4.88 11.05 44.39
N GLN A 483 -5.68 10.75 45.42
CA GLN A 483 -5.62 11.52 46.65
C GLN A 483 -4.24 11.37 47.29
N PRO A 484 -3.83 12.35 48.10
CA PRO A 484 -2.41 12.44 48.50
C PRO A 484 -1.98 11.28 49.38
N GLY A 485 -0.77 10.79 49.12
CA GLY A 485 -0.20 9.70 49.90
C GLY A 485 -0.96 8.40 49.82
N ALA A 486 -1.78 8.23 48.78
CA ALA A 486 -2.47 6.98 48.56
C ALA A 486 -1.46 5.86 48.37
N LYS A 487 -1.69 4.73 48.99
CA LYS A 487 -0.78 3.67 48.72
C LYS A 487 -1.20 3.07 47.44
N CYS A 488 -0.30 2.32 46.85
CA CYS A 488 -0.62 1.45 45.73
C CYS A 488 -1.48 0.29 46.24
N VAL A 489 -2.02 -0.49 45.32
CA VAL A 489 -2.80 -1.64 45.72
C VAL A 489 -1.88 -2.68 46.29
N CYS A 490 -0.58 -2.57 46.04
CA CYS A 490 0.36 -3.50 46.65
C CYS A 490 0.58 -3.24 48.14
N GLY A 491 0.21 -2.07 48.63
CA GLY A 491 0.25 -1.79 50.05
C GLY A 491 1.56 -1.23 50.53
N LYS A 492 2.65 -1.65 49.90
CA LYS A 492 3.98 -1.39 50.43
C LYS A 492 4.64 -0.12 49.86
N ASN A 493 4.27 0.29 48.64
CA ASN A 493 4.84 1.48 48.02
C ASN A 493 3.78 2.55 47.81
N PRO A 494 4.14 3.83 47.89
CA PRO A 494 3.18 4.88 47.53
C PRO A 494 2.76 4.76 46.08
N ALA A 495 1.50 5.08 45.83
CA ALA A 495 1.01 5.01 44.46
C ALA A 495 1.60 6.17 43.67
N LYS A 496 1.98 5.89 42.43
CA LYS A 496 2.44 6.95 41.54
C LYS A 496 1.31 7.49 40.69
N TYR A 497 0.38 6.68 40.25
CA TYR A 497 -0.72 7.12 39.41
C TYR A 497 -1.83 6.14 39.30
N TYR A 498 -2.99 6.61 38.92
CA TYR A 498 -4.05 5.67 38.58
C TYR A 498 -3.68 4.98 37.28
N THR A 499 -3.79 3.66 37.27
CA THR A 499 -3.51 2.86 36.10
C THR A 499 -4.71 1.99 35.77
N LEU A 500 -5.03 1.92 34.48
CA LEU A 500 -6.06 1.05 33.95
C LEU A 500 -5.51 -0.35 33.76
N PHE A 501 -6.07 -1.30 34.52
CA PHE A 501 -5.75 -2.71 34.48
C PHE A 501 -6.97 -3.47 33.98
N GLY A 502 -6.72 -4.61 33.37
CA GLY A 502 -7.77 -5.50 32.87
C GLY A 502 -7.13 -6.74 32.29
N ARG A 503 -7.98 -7.69 31.91
CA ARG A 503 -7.53 -8.82 31.13
C ARG A 503 -7.48 -8.43 29.66
N SER A 504 -6.40 -8.84 28.98
CA SER A 504 -6.06 -8.26 27.68
C SER A 504 -5.94 -9.32 26.60
N TYR A 505 -6.05 -8.84 25.36
CA TYR A 505 -5.75 -9.62 24.17
C TYR A 505 -4.23 -9.56 23.93
N GLY B 8 26.43 21.21 -8.83
CA GLY B 8 25.42 20.45 -9.56
C GLY B 8 25.80 19.00 -9.79
N LEU B 9 25.34 18.44 -10.90
CA LEU B 9 25.66 17.06 -11.30
C LEU B 9 26.87 17.04 -12.22
N GLU B 10 27.72 16.02 -12.05
CA GLU B 10 29.02 15.96 -12.72
C GLU B 10 29.12 14.90 -13.82
N ALA B 11 28.59 13.73 -13.62
CA ALA B 11 28.68 12.69 -14.60
C ALA B 11 27.76 12.82 -15.79
N LYS B 12 28.27 12.51 -16.95
CA LYS B 12 27.56 12.65 -18.18
C LYS B 12 26.90 11.41 -18.59
N LYS B 13 25.68 11.53 -19.05
CA LYS B 13 24.90 10.40 -19.47
C LYS B 13 25.49 9.68 -20.64
N GLU B 14 26.04 10.41 -21.57
CA GLU B 14 26.59 9.80 -22.76
C GLU B 14 27.90 9.08 -22.56
N GLU B 15 28.49 9.23 -21.39
CA GLU B 15 29.75 8.56 -21.09
C GLU B 15 29.42 7.28 -20.36
N ASN B 16 29.68 7.18 -19.08
CA ASN B 16 29.32 5.97 -18.34
C ASN B 16 27.89 6.02 -17.84
N LEU B 17 26.98 5.39 -18.55
CA LEU B 17 25.56 5.45 -18.23
C LEU B 17 25.28 5.01 -16.79
N ALA B 18 25.97 3.98 -16.31
CA ALA B 18 25.65 3.43 -14.99
C ALA B 18 26.06 4.38 -13.87
N ASP B 19 27.19 5.08 -14.02
CA ASP B 19 27.59 6.09 -13.04
C ASP B 19 26.65 7.29 -13.09
N TRP B 20 26.32 7.77 -14.30
CA TRP B 20 25.28 8.78 -14.44
C TRP B 20 23.99 8.36 -13.74
N TYR B 21 23.62 7.09 -13.87
CA TYR B 21 22.34 6.62 -13.37
C TYR B 21 22.34 6.60 -11.84
N SER B 22 23.41 6.06 -11.25
CA SER B 22 23.51 6.09 -9.79
C SER B 22 23.48 7.52 -9.28
N GLN B 23 24.23 8.43 -9.94
CA GLN B 23 24.27 9.82 -9.51
C GLN B 23 22.88 10.46 -9.56
N VAL B 24 22.17 10.32 -10.68
CA VAL B 24 20.83 10.90 -10.77
C VAL B 24 19.91 10.33 -9.70
N ILE B 25 19.89 9.00 -9.55
CA ILE B 25 18.88 8.45 -8.63
C ILE B 25 19.19 8.77 -7.18
N THR B 26 20.46 9.06 -6.83
CA THR B 26 20.71 9.44 -5.44
C THR B 26 20.62 10.94 -5.20
N LYS B 27 21.10 11.75 -6.16
CA LYS B 27 21.15 13.21 -6.01
C LYS B 27 19.78 13.87 -6.21
N SER B 28 18.84 13.17 -6.84
CA SER B 28 17.44 13.57 -6.81
C SER B 28 16.68 13.02 -5.59
N GLU B 29 17.35 12.29 -4.69
CA GLU B 29 16.75 11.80 -3.43
C GLU B 29 15.58 10.84 -3.70
N MET B 30 15.71 10.05 -4.75
CA MET B 30 14.79 8.95 -5.05
C MET B 30 15.20 7.66 -4.36
N ILE B 31 16.48 7.33 -4.37
CA ILE B 31 16.97 6.01 -4.02
C ILE B 31 18.06 6.16 -2.97
N GLU B 32 17.97 5.38 -1.91
CA GLU B 32 19.10 5.16 -1.02
C GLU B 32 19.54 3.71 -1.12
N TYR B 33 20.83 3.47 -0.94
CA TYR B 33 21.33 2.10 -0.89
C TYR B 33 21.15 1.54 0.52
N HIS B 34 20.78 0.26 0.60
CA HIS B 34 20.67 -0.53 1.82
C HIS B 34 21.92 -1.39 2.00
N ASP B 35 22.22 -1.78 3.25
CA ASP B 35 23.41 -2.60 3.45
C ASP B 35 23.30 -4.00 2.87
N ILE B 36 22.10 -4.43 2.48
CA ILE B 36 21.93 -5.71 1.81
C ILE B 36 21.87 -5.45 0.30
N SER B 37 22.89 -5.93 -0.42
CA SER B 37 23.01 -5.74 -1.85
C SER B 37 21.73 -6.16 -2.58
N GLY B 38 21.31 -5.32 -3.53
CA GLY B 38 20.19 -5.63 -4.37
C GLY B 38 18.87 -5.06 -3.91
N CYS B 39 18.80 -4.55 -2.70
CA CYS B 39 17.61 -3.88 -2.18
C CYS B 39 17.87 -2.40 -2.02
N TYR B 40 16.82 -1.61 -2.25
CA TYR B 40 17.00 -0.19 -2.32
C TYR B 40 15.86 0.47 -1.56
N ILE B 41 16.15 1.65 -1.02
CA ILE B 41 15.16 2.45 -0.33
C ILE B 41 14.54 3.39 -1.36
N LEU B 42 13.21 3.31 -1.51
CA LEU B 42 12.45 4.29 -2.28
C LEU B 42 12.15 5.44 -1.35
N ARG B 43 12.96 6.49 -1.41
CA ARG B 43 12.69 7.73 -0.70
C ARG B 43 11.45 8.41 -1.28
N PRO B 44 10.88 9.39 -0.56
CA PRO B 44 9.57 9.94 -1.00
C PRO B 44 9.58 10.51 -2.42
N TRP B 45 10.68 11.10 -2.89
CA TRP B 45 10.64 11.61 -4.26
C TRP B 45 10.24 10.52 -5.27
N ALA B 46 10.76 9.30 -5.11
CA ALA B 46 10.42 8.16 -5.95
C ALA B 46 9.03 7.57 -5.62
N TYR B 47 8.79 7.35 -4.33
CA TYR B 47 7.52 6.77 -3.93
C TYR B 47 6.36 7.59 -4.48
N ALA B 48 6.53 8.92 -4.53
CA ALA B 48 5.44 9.76 -5.02
C ALA B 48 5.08 9.41 -6.46
N ILE B 49 6.09 9.17 -7.30
CA ILE B 49 5.82 8.79 -8.68
C ILE B 49 5.04 7.49 -8.70
N TRP B 50 5.48 6.54 -7.87
CA TRP B 50 4.76 5.27 -7.80
C TRP B 50 3.29 5.48 -7.41
N GLU B 51 3.03 6.41 -6.49
CA GLU B 51 1.66 6.70 -6.07
C GLU B 51 0.83 7.36 -7.18
N ALA B 52 1.47 8.17 -8.04
CA ALA B 52 0.75 8.70 -9.20
C ALA B 52 0.30 7.59 -10.13
N ILE B 53 1.24 6.68 -10.44
CA ILE B 53 0.93 5.51 -11.25
C ILE B 53 -0.20 4.69 -10.61
N LYS B 54 -0.12 4.51 -9.30
CA LYS B 54 -1.14 3.80 -8.53
C LYS B 54 -2.51 4.46 -8.69
N ASP B 55 -2.61 5.76 -8.44
CA ASP B 55 -3.91 6.42 -8.54
C ASP B 55 -4.54 6.17 -9.89
N PHE B 56 -3.78 6.40 -10.97
CA PHE B 56 -4.35 6.20 -12.31
C PHE B 56 -4.78 4.75 -12.55
N PHE B 57 -3.90 3.80 -12.22
CA PHE B 57 -4.19 2.41 -12.56
C PHE B 57 -5.32 1.86 -11.69
N ASP B 58 -5.24 2.08 -10.37
CA ASP B 58 -6.30 1.72 -9.44
C ASP B 58 -7.66 2.16 -9.97
N ALA B 59 -7.75 3.44 -10.38
CA ALA B 59 -9.03 3.95 -10.88
C ALA B 59 -9.47 3.19 -12.12
N GLU B 60 -8.54 2.97 -13.06
CA GLU B 60 -8.89 2.33 -14.31
C GLU B 60 -9.35 0.88 -14.10
N ILE B 61 -8.64 0.10 -13.27
CA ILE B 61 -9.04 -1.30 -13.12
C ILE B 61 -10.30 -1.40 -12.27
N LYS B 62 -10.51 -0.41 -11.39
CA LYS B 62 -11.81 -0.30 -10.72
C LYS B 62 -12.92 -0.25 -11.75
N LYS B 63 -12.75 0.57 -12.78
CA LYS B 63 -13.78 0.63 -13.82
C LYS B 63 -14.02 -0.72 -14.48
N LEU B 64 -13.01 -1.60 -14.48
CA LEU B 64 -13.12 -2.88 -15.18
C LEU B 64 -13.77 -3.95 -14.30
N GLY B 65 -14.04 -3.63 -13.04
CA GLY B 65 -14.58 -4.58 -12.09
C GLY B 65 -13.57 -5.31 -11.23
N VAL B 66 -12.33 -4.81 -11.11
CA VAL B 66 -11.31 -5.47 -10.33
C VAL B 66 -11.33 -4.88 -8.92
N GLU B 67 -11.18 -5.75 -7.92
CA GLU B 67 -11.22 -5.31 -6.53
C GLU B 67 -9.87 -5.61 -5.88
N ASN B 68 -9.49 -4.76 -4.94
CA ASN B 68 -8.23 -4.93 -4.25
C ASN B 68 -8.39 -5.87 -3.06
N CYS B 69 -7.33 -6.64 -2.79
CA CYS B 69 -7.28 -7.54 -1.65
C CYS B 69 -5.86 -7.53 -1.11
N TYR B 70 -5.58 -8.45 -0.17
CA TYR B 70 -4.22 -8.74 0.24
C TYR B 70 -4.15 -10.20 0.68
N PHE B 71 -3.26 -11.00 0.01
CA PHE B 71 -2.89 -12.39 0.22
C PHE B 71 -1.53 -12.48 0.93
N PRO B 72 -1.30 -13.56 1.67
CA PRO B 72 -0.08 -13.66 2.48
C PRO B 72 1.19 -13.71 1.63
N MET B 73 2.29 -13.28 2.23
CA MET B 73 3.58 -13.25 1.56
C MET B 73 4.28 -14.60 1.61
N PHE B 74 3.74 -15.56 2.34
CA PHE B 74 4.34 -16.87 2.51
C PHE B 74 3.55 -17.92 1.75
N VAL B 75 4.27 -18.84 1.12
CA VAL B 75 3.65 -19.96 0.43
C VAL B 75 4.31 -21.25 0.90
N SER B 76 3.52 -22.32 0.96
CA SER B 76 3.99 -23.60 1.46
C SER B 76 4.73 -24.38 0.37
N GLN B 77 5.57 -25.31 0.80
CA GLN B 77 6.26 -26.18 -0.14
C GLN B 77 5.27 -26.93 -1.01
N SER B 78 4.21 -27.46 -0.41
CA SER B 78 3.23 -28.28 -1.12
C SER B 78 2.50 -27.48 -2.21
N ALA B 79 1.95 -26.32 -1.84
CA ALA B 79 1.24 -25.49 -2.82
C ALA B 79 2.17 -24.93 -3.87
N LEU B 80 3.46 -24.76 -3.56
CA LEU B 80 4.35 -24.06 -4.46
C LEU B 80 4.68 -24.87 -5.71
N GLU B 81 4.71 -26.19 -5.61
CA GLU B 81 5.12 -26.98 -6.76
C GLU B 81 3.95 -27.67 -7.48
N LYS B 82 2.72 -27.16 -7.34
CA LYS B 82 1.58 -27.87 -7.95
C LYS B 82 1.52 -27.66 -9.45
N GLU B 83 1.83 -26.45 -9.93
CA GLU B 83 2.03 -26.19 -11.35
C GLU B 83 3.52 -26.29 -11.62
N LYS B 84 3.94 -27.37 -12.31
CA LYS B 84 5.35 -27.77 -12.28
C LYS B 84 6.23 -26.85 -13.12
N THR B 85 5.68 -26.35 -14.25
CA THR B 85 6.44 -25.49 -15.15
C THR B 85 6.81 -24.16 -14.49
N HIS B 86 5.80 -23.46 -13.95
CA HIS B 86 6.00 -22.17 -13.30
C HIS B 86 6.96 -22.28 -12.12
N VAL B 87 6.77 -23.29 -11.27
CA VAL B 87 7.64 -23.43 -10.11
C VAL B 87 9.07 -23.73 -10.55
N ALA B 88 9.24 -24.56 -11.57
CA ALA B 88 10.59 -24.82 -12.05
C ALA B 88 11.24 -23.54 -12.54
N ASP B 89 10.46 -22.64 -13.15
CA ASP B 89 11.04 -21.38 -13.60
C ASP B 89 11.50 -20.51 -12.43
N PHE B 90 10.73 -20.47 -11.34
CA PHE B 90 11.05 -19.54 -10.26
C PHE B 90 11.89 -20.12 -9.12
N ALA B 91 12.00 -21.44 -9.01
CA ALA B 91 12.61 -22.06 -7.83
C ALA B 91 14.03 -21.56 -7.53
N PRO B 92 14.96 -21.46 -8.48
CA PRO B 92 16.31 -21.00 -8.12
C PRO B 92 16.36 -19.64 -7.44
N GLU B 93 15.28 -18.86 -7.52
CA GLU B 93 15.29 -17.50 -6.99
C GLU B 93 14.20 -17.27 -5.96
N VAL B 94 13.68 -18.33 -5.36
CA VAL B 94 12.73 -18.21 -4.28
C VAL B 94 13.48 -18.15 -2.96
N ALA B 95 13.25 -17.10 -2.16
CA ALA B 95 13.82 -16.99 -0.82
C ALA B 95 13.07 -17.89 0.16
N TRP B 96 13.82 -18.57 1.03
CA TRP B 96 13.25 -19.57 1.93
C TRP B 96 13.46 -19.19 3.39
N VAL B 97 12.35 -19.11 4.15
CA VAL B 97 12.40 -18.91 5.60
C VAL B 97 12.55 -20.26 6.26
N THR B 98 13.56 -20.41 7.11
CA THR B 98 13.81 -21.69 7.74
C THR B 98 13.75 -21.69 9.25
N ARG B 99 13.79 -20.54 9.92
CA ARG B 99 13.71 -20.50 11.37
C ARG B 99 13.15 -19.17 11.84
N SER B 100 12.69 -19.18 13.09
CA SER B 100 12.24 -17.96 13.77
C SER B 100 12.99 -17.88 15.08
N GLY B 101 13.65 -16.76 15.32
CA GLY B 101 14.62 -16.78 16.39
C GLY B 101 15.58 -17.91 16.13
N LYS B 102 15.89 -18.68 17.18
CA LYS B 102 16.82 -19.80 17.04
C LYS B 102 16.13 -21.11 16.66
N THR B 103 14.83 -21.23 16.91
CA THR B 103 14.07 -22.44 16.63
C THR B 103 13.88 -22.64 15.13
N GLU B 104 14.44 -23.73 14.61
CA GLU B 104 14.22 -24.12 13.22
C GLU B 104 12.75 -24.44 12.97
N LEU B 105 12.20 -23.90 11.90
CA LEU B 105 10.78 -24.15 11.61
C LEU B 105 10.57 -25.63 11.28
N ALA B 106 9.33 -26.09 11.52
CA ALA B 106 8.98 -27.47 11.20
C ALA B 106 9.14 -27.76 9.71
N GLU B 107 8.97 -26.72 8.88
CA GLU B 107 8.92 -26.80 7.42
C GLU B 107 9.41 -25.46 6.90
N PRO B 108 10.33 -25.44 5.94
CA PRO B 108 10.68 -24.16 5.33
C PRO B 108 9.46 -23.62 4.59
N ILE B 109 9.23 -22.33 4.76
CA ILE B 109 8.17 -21.63 4.02
C ILE B 109 8.86 -20.67 3.07
N ALA B 110 8.22 -20.45 1.93
CA ALA B 110 8.74 -19.65 0.85
C ALA B 110 8.18 -18.23 0.86
N ILE B 111 8.96 -17.27 0.36
CA ILE B 111 8.46 -15.92 0.15
C ILE B 111 7.96 -15.80 -1.29
N ARG B 112 6.82 -15.13 -1.48
CA ARG B 112 6.22 -15.07 -2.82
C ARG B 112 7.18 -14.44 -3.83
N PRO B 113 7.44 -15.09 -4.95
CA PRO B 113 8.10 -14.41 -6.08
C PRO B 113 7.07 -13.82 -7.02
N THR B 114 5.92 -14.48 -7.06
CA THR B 114 4.67 -14.02 -7.63
C THR B 114 3.64 -14.81 -6.84
N SER B 115 2.35 -14.49 -7.00
CA SER B 115 1.36 -15.00 -6.04
C SER B 115 0.34 -15.99 -6.59
N GLU B 116 0.53 -16.52 -7.81
CA GLU B 116 -0.39 -17.53 -8.32
C GLU B 116 -0.65 -18.64 -7.31
N THR B 117 0.41 -19.16 -6.69
CA THR B 117 0.27 -20.32 -5.84
C THR B 117 -0.16 -19.98 -4.42
N VAL B 118 -0.24 -18.70 -4.08
CA VAL B 118 -0.90 -18.30 -2.84
C VAL B 118 -2.40 -18.14 -3.06
N MET B 119 -2.78 -17.50 -4.17
CA MET B 119 -4.19 -17.18 -4.38
C MET B 119 -5.01 -18.36 -4.90
N TYR B 120 -4.44 -19.19 -5.74
CA TYR B 120 -5.32 -20.05 -6.50
C TYR B 120 -5.96 -21.16 -5.66
N PRO B 121 -5.35 -21.65 -4.58
CA PRO B 121 -6.12 -22.52 -3.66
C PRO B 121 -7.38 -21.85 -3.11
N ALA B 122 -7.30 -20.57 -2.76
CA ALA B 122 -8.49 -19.83 -2.36
C ALA B 122 -9.49 -19.70 -3.51
N TYR B 123 -9.01 -19.44 -4.73
CA TYR B 123 -9.93 -19.39 -5.86
C TYR B 123 -10.71 -20.69 -5.99
N ALA B 124 -10.03 -21.82 -5.77
CA ALA B 124 -10.75 -23.10 -5.76
C ALA B 124 -11.80 -23.13 -4.65
N LYS B 125 -11.46 -22.59 -3.48
CA LYS B 125 -12.44 -22.53 -2.40
C LYS B 125 -13.65 -21.66 -2.76
N TRP B 126 -13.46 -20.60 -3.55
CA TRP B 126 -14.48 -19.58 -3.77
C TRP B 126 -15.37 -19.83 -4.98
N VAL B 127 -14.96 -20.69 -5.89
CA VAL B 127 -15.74 -20.97 -7.09
C VAL B 127 -16.48 -22.27 -6.81
N GLN B 128 -17.66 -22.14 -6.22
CA GLN B 128 -18.54 -23.28 -6.03
C GLN B 128 -19.48 -23.47 -7.20
N SER B 129 -19.93 -22.38 -7.79
CA SER B 129 -20.92 -22.41 -8.84
C SER B 129 -20.49 -21.47 -9.97
N HIS B 130 -21.20 -21.59 -11.10
CA HIS B 130 -20.90 -20.75 -12.26
CA HIS B 130 -20.89 -20.75 -12.25
C HIS B 130 -21.16 -19.28 -11.96
N ARG B 131 -22.12 -19.00 -11.07
CA ARG B 131 -22.41 -17.62 -10.69
C ARG B 131 -21.25 -16.98 -9.93
N ASP B 132 -20.42 -17.80 -9.27
CA ASP B 132 -19.30 -17.26 -8.52
C ASP B 132 -18.22 -16.63 -9.41
N LEU B 133 -18.24 -16.87 -10.78
CA LEU B 133 -17.31 -16.28 -11.73
C LEU B 133 -17.94 -15.07 -12.41
N PRO B 134 -17.14 -14.07 -12.81
CA PRO B 134 -15.67 -14.02 -12.72
C PRO B 134 -15.16 -13.56 -11.37
N ILE B 135 -13.89 -13.90 -11.08
CA ILE B 135 -13.17 -13.40 -9.93
C ILE B 135 -12.08 -12.49 -10.47
N LYS B 136 -12.02 -11.24 -9.98
CA LYS B 136 -11.09 -10.23 -10.51
C LYS B 136 -10.43 -9.53 -9.34
N LEU B 137 -9.31 -10.06 -8.86
CA LEU B 137 -8.63 -9.49 -7.70
C LEU B 137 -7.29 -8.90 -8.11
N ASN B 138 -6.90 -7.81 -7.46
CA ASN B 138 -5.60 -7.18 -7.67
C ASN B 138 -4.98 -6.84 -6.32
N GLN B 139 -3.64 -6.86 -6.26
CA GLN B 139 -2.99 -6.41 -5.02
C GLN B 139 -1.72 -5.62 -5.31
N TRP B 140 -1.55 -4.55 -4.53
CA TRP B 140 -0.32 -3.78 -4.47
C TRP B 140 0.52 -4.36 -3.33
N CYS B 141 1.67 -4.93 -3.66
CA CYS B 141 2.49 -5.48 -2.59
C CYS B 141 3.92 -5.62 -3.07
N ASN B 142 4.75 -6.17 -2.18
CA ASN B 142 6.14 -6.47 -2.48
C ASN B 142 6.26 -7.95 -2.78
N VAL B 143 7.20 -8.28 -3.67
CA VAL B 143 7.60 -9.66 -3.90
C VAL B 143 9.12 -9.70 -3.95
N VAL B 144 9.65 -10.93 -3.85
CA VAL B 144 11.08 -11.19 -3.74
C VAL B 144 11.50 -12.19 -4.81
N ARG B 145 12.57 -11.88 -5.53
CA ARG B 145 13.15 -12.76 -6.53
C ARG B 145 14.65 -12.71 -6.29
N TRP B 146 15.14 -13.56 -5.40
CA TRP B 146 16.53 -13.48 -4.93
C TRP B 146 17.49 -14.07 -5.97
N GLU B 147 17.66 -13.33 -7.07
CA GLU B 147 18.62 -13.71 -8.09
C GLU B 147 19.98 -13.12 -7.71
N PHE B 148 21.06 -13.86 -7.97
CA PHE B 148 22.38 -13.39 -7.55
C PHE B 148 23.12 -12.62 -8.61
N LYS B 149 22.49 -12.37 -9.77
CA LYS B 149 23.09 -11.48 -10.75
C LYS B 149 23.17 -10.06 -10.21
N HIS B 150 23.97 -9.24 -10.87
CA HIS B 150 24.21 -7.86 -10.45
C HIS B 150 22.92 -7.06 -10.46
N PRO B 151 22.44 -6.58 -9.32
CA PRO B 151 21.22 -5.76 -9.33
C PRO B 151 21.43 -4.42 -10.02
N GLN B 152 20.30 -3.79 -10.31
CA GLN B 152 20.24 -2.42 -10.79
C GLN B 152 18.96 -1.75 -10.30
N PRO B 153 19.08 -0.61 -9.60
CA PRO B 153 17.90 0.01 -8.99
C PRO B 153 16.77 0.21 -9.98
N PHE B 154 15.53 -0.01 -9.48
CA PHE B 154 14.27 0.07 -10.22
C PHE B 154 14.07 -1.08 -11.20
N LEU B 155 15.09 -1.37 -12.00
CA LEU B 155 14.95 -2.22 -13.18
C LEU B 155 15.01 -3.70 -12.84
N ARG B 156 16.03 -4.10 -12.09
CA ARG B 156 16.25 -5.50 -11.70
C ARG B 156 16.59 -5.52 -10.20
N THR B 157 15.65 -5.92 -9.35
CA THR B 157 15.88 -5.85 -7.91
C THR B 157 15.37 -7.12 -7.21
N ARG B 158 16.07 -7.49 -6.12
CA ARG B 158 15.72 -8.70 -5.39
C ARG B 158 14.37 -8.58 -4.70
N GLU B 159 14.00 -7.38 -4.28
CA GLU B 159 12.68 -7.08 -3.76
C GLU B 159 12.14 -5.89 -4.51
N PHE B 160 10.88 -5.98 -4.95
CA PHE B 160 10.27 -4.77 -5.50
C PHE B 160 8.79 -4.72 -5.21
N LEU B 161 8.26 -3.49 -5.23
CA LEU B 161 6.84 -3.22 -5.23
C LEU B 161 6.25 -3.38 -6.63
N TRP B 162 5.00 -3.85 -6.66
CA TRP B 162 4.29 -4.00 -7.91
C TRP B 162 2.80 -4.07 -7.61
N GLN B 163 2.01 -4.17 -8.68
CA GLN B 163 0.65 -4.68 -8.62
C GLN B 163 0.57 -5.96 -9.43
N GLU B 164 -0.23 -6.90 -8.92
CA GLU B 164 -0.50 -8.14 -9.63
C GLU B 164 -2.00 -8.40 -9.55
N GLY B 165 -2.62 -8.50 -10.72
CA GLY B 165 -4.04 -8.77 -10.83
C GLY B 165 -4.20 -10.18 -11.38
N HIS B 166 -5.15 -10.90 -10.81
CA HIS B 166 -5.36 -12.30 -11.08
C HIS B 166 -6.86 -12.45 -11.27
N SER B 167 -7.26 -12.98 -12.42
CA SER B 167 -8.67 -13.04 -12.75
C SER B 167 -8.98 -14.38 -13.38
N ALA B 168 -10.16 -14.89 -13.04
CA ALA B 168 -10.68 -16.18 -13.46
C ALA B 168 -12.05 -15.95 -14.09
N PHE B 169 -12.29 -16.64 -15.20
CA PHE B 169 -13.52 -16.52 -15.99
C PHE B 169 -14.01 -17.91 -16.35
N ALA B 170 -15.28 -17.97 -16.76
CA ALA B 170 -15.87 -19.23 -17.20
C ALA B 170 -15.60 -19.53 -18.66
N THR B 171 -15.34 -18.51 -19.48
CA THR B 171 -15.06 -18.70 -20.89
C THR B 171 -13.71 -18.08 -21.25
N MET B 172 -13.10 -18.61 -22.30
CA MET B 172 -11.85 -18.05 -22.81
C MET B 172 -12.05 -16.64 -23.37
N GLU B 173 -13.24 -16.34 -23.89
CA GLU B 173 -13.41 -15.08 -24.63
C GLU B 173 -13.28 -13.88 -23.70
N GLU B 174 -13.90 -13.92 -22.52
CA GLU B 174 -13.78 -12.76 -21.63
C GLU B 174 -12.38 -12.66 -21.03
N ALA B 175 -11.72 -13.81 -20.82
CA ALA B 175 -10.33 -13.77 -20.40
C ALA B 175 -9.46 -13.06 -21.43
N ALA B 176 -9.54 -13.51 -22.70
CA ALA B 176 -8.80 -12.91 -23.79
C ALA B 176 -9.10 -11.43 -23.91
N GLU B 177 -10.35 -11.05 -23.66
CA GLU B 177 -10.69 -9.63 -23.66
C GLU B 177 -9.88 -8.88 -22.62
N GLU B 178 -9.96 -9.33 -21.36
CA GLU B 178 -9.27 -8.62 -20.27
C GLU B 178 -7.75 -8.51 -20.52
N VAL B 179 -7.13 -9.52 -21.13
CA VAL B 179 -5.68 -9.46 -21.33
C VAL B 179 -5.29 -8.23 -22.15
N LEU B 180 -5.97 -8.04 -23.28
CA LEU B 180 -5.73 -6.86 -24.10
C LEU B 180 -6.11 -5.56 -23.38
N GLN B 181 -7.18 -5.59 -22.57
CA GLN B 181 -7.57 -4.38 -21.84
C GLN B 181 -6.46 -3.94 -20.88
N ILE B 182 -5.92 -4.90 -20.13
CA ILE B 182 -4.88 -4.56 -19.17
C ILE B 182 -3.61 -4.13 -19.90
N LEU B 183 -3.28 -4.80 -21.01
CA LEU B 183 -2.10 -4.38 -21.76
C LEU B 183 -2.24 -2.94 -22.24
N ASP B 184 -3.46 -2.54 -22.65
CA ASP B 184 -3.67 -1.16 -23.03
C ASP B 184 -3.45 -0.23 -21.85
N LEU B 185 -4.00 -0.57 -20.67
CA LEU B 185 -3.77 0.29 -19.50
C LEU B 185 -2.28 0.48 -19.23
N TYR B 186 -1.50 -0.59 -19.35
CA TYR B 186 -0.06 -0.46 -19.14
C TYR B 186 0.56 0.48 -20.16
N ALA B 187 0.17 0.33 -21.42
CA ALA B 187 0.64 1.26 -22.44
C ALA B 187 0.27 2.70 -22.08
N GLN B 188 -0.91 2.92 -21.49
CA GLN B 188 -1.28 4.27 -21.12
C GLN B 188 -0.44 4.78 -19.96
N VAL B 189 -0.10 3.91 -19.02
CA VAL B 189 0.80 4.33 -17.96
C VAL B 189 2.10 4.80 -18.58
N TYR B 190 2.66 4.00 -19.48
CA TYR B 190 3.93 4.36 -20.07
C TYR B 190 3.81 5.64 -20.94
N GLU B 191 2.76 5.76 -21.76
CA GLU B 191 2.71 6.81 -22.79
C GLU B 191 1.97 8.08 -22.36
N GLU B 192 0.84 7.97 -21.64
CA GLU B 192 0.15 9.17 -21.14
C GLU B 192 0.70 9.68 -19.82
N LEU B 193 1.18 8.79 -18.95
CA LEU B 193 1.72 9.23 -17.67
C LEU B 193 3.22 9.51 -17.76
N LEU B 194 4.02 8.49 -18.08
CA LEU B 194 5.47 8.67 -18.07
C LEU B 194 6.02 9.26 -19.36
N ALA B 195 5.17 9.47 -20.39
CA ALA B 195 5.58 10.03 -21.67
C ALA B 195 6.69 9.21 -22.34
N ILE B 196 6.53 7.88 -22.29
CA ILE B 196 7.46 6.93 -22.87
C ILE B 196 6.69 6.11 -23.90
N PRO B 197 7.11 6.08 -25.16
CA PRO B 197 6.46 5.19 -26.13
C PRO B 197 6.91 3.75 -25.97
N VAL B 198 5.99 2.83 -26.25
CA VAL B 198 6.23 1.40 -26.07
C VAL B 198 5.70 0.65 -27.27
N VAL B 199 6.07 -0.61 -27.37
CA VAL B 199 5.70 -1.50 -28.46
C VAL B 199 4.90 -2.67 -27.88
N LYS B 200 3.63 -2.77 -28.26
CA LYS B 200 2.78 -3.88 -27.83
C LYS B 200 3.07 -5.13 -28.65
N GLY B 201 3.11 -6.28 -27.98
CA GLY B 201 3.29 -7.51 -28.73
C GLY B 201 3.01 -8.74 -27.89
N ARG B 202 3.40 -9.88 -28.45
CA ARG B 202 3.37 -11.16 -27.78
C ARG B 202 4.79 -11.68 -27.60
N LYS B 203 5.04 -12.34 -26.46
CA LYS B 203 6.31 -12.99 -26.26
C LYS B 203 6.39 -14.21 -27.18
N THR B 204 7.58 -14.45 -27.73
CA THR B 204 7.82 -15.71 -28.42
C THR B 204 7.61 -16.90 -27.49
N GLU B 205 7.38 -18.08 -28.08
CA GLU B 205 7.23 -19.30 -27.30
C GLU B 205 8.32 -19.43 -26.23
N LYS B 206 9.57 -19.06 -26.58
CA LYS B 206 10.67 -19.15 -25.63
C LYS B 206 10.47 -18.21 -24.44
N GLU B 207 10.11 -16.95 -24.71
CA GLU B 207 10.13 -15.91 -23.69
C GLU B 207 8.81 -15.76 -22.93
N LYS B 208 7.85 -16.65 -23.15
CA LYS B 208 6.55 -16.49 -22.50
C LYS B 208 6.59 -17.01 -21.05
N PHE B 209 5.66 -16.46 -20.25
CA PHE B 209 5.53 -16.85 -18.84
C PHE B 209 5.40 -18.35 -18.71
N ALA B 210 6.23 -18.94 -17.87
CA ALA B 210 6.19 -20.38 -17.66
C ALA B 210 4.88 -20.78 -17.00
N GLY B 211 4.20 -21.78 -17.61
CA GLY B 211 2.89 -22.19 -17.16
C GLY B 211 1.74 -21.44 -17.80
N GLY B 212 2.02 -20.38 -18.56
CA GLY B 212 0.98 -19.67 -19.27
C GLY B 212 0.82 -20.20 -20.67
N ASP B 213 -0.19 -19.68 -21.36
CA ASP B 213 -0.39 -19.98 -22.77
C ASP B 213 0.17 -18.87 -23.66
N TYR B 214 -0.14 -17.61 -23.35
CA TYR B 214 0.52 -16.52 -24.05
C TYR B 214 0.73 -15.32 -23.15
N THR B 215 1.77 -14.56 -23.49
CA THR B 215 2.16 -13.36 -22.76
C THR B 215 2.14 -12.18 -23.72
N THR B 216 1.31 -11.19 -23.42
CA THR B 216 1.36 -9.89 -24.08
C THR B 216 2.28 -8.98 -23.30
N THR B 217 2.92 -8.06 -24.00
CA THR B 217 3.92 -7.23 -23.35
C THR B 217 3.97 -5.87 -24.02
N ILE B 218 4.45 -4.89 -23.26
CA ILE B 218 4.91 -3.60 -23.80
C ILE B 218 6.42 -3.53 -23.63
N GLU B 219 7.13 -3.31 -24.71
CA GLU B 219 8.57 -3.12 -24.68
C GLU B 219 8.91 -1.64 -24.82
N ALA B 220 9.92 -1.18 -24.09
CA ALA B 220 10.43 0.18 -24.19
C ALA B 220 11.91 0.15 -24.56
N PHE B 221 12.39 1.28 -25.06
CA PHE B 221 13.75 1.36 -25.58
C PHE B 221 14.52 2.44 -24.86
N ILE B 222 15.62 2.06 -24.19
CA ILE B 222 16.57 3.00 -23.63
C ILE B 222 17.66 3.24 -24.67
N SER B 223 17.62 4.41 -25.28
CA SER B 223 18.54 4.71 -26.36
C SER B 223 19.96 4.91 -25.87
N ALA B 224 20.12 5.31 -24.62
CA ALA B 224 21.46 5.61 -24.11
C ALA B 224 22.35 4.36 -24.05
N SER B 225 21.76 3.17 -23.83
CA SER B 225 22.53 1.93 -23.84
C SER B 225 22.26 1.05 -25.05
N GLY B 226 21.30 1.43 -25.90
CA GLY B 226 20.88 0.58 -26.99
C GLY B 226 20.04 -0.60 -26.58
N ARG B 227 19.42 -0.56 -25.40
CA ARG B 227 18.82 -1.77 -24.85
C ARG B 227 17.33 -1.60 -24.67
N ALA B 228 16.57 -2.67 -24.92
CA ALA B 228 15.14 -2.64 -24.67
C ALA B 228 14.83 -3.31 -23.33
N ILE B 229 13.66 -2.98 -22.79
CA ILE B 229 13.24 -3.55 -21.51
C ILE B 229 11.71 -3.67 -21.47
N GLN B 230 11.23 -4.77 -20.88
CA GLN B 230 9.81 -5.04 -20.73
C GLN B 230 9.22 -4.20 -19.61
N GLY B 231 8.16 -3.46 -19.90
CA GLY B 231 7.71 -2.41 -19.01
C GLY B 231 6.52 -2.82 -18.18
N GLY B 232 5.80 -3.81 -18.68
CA GLY B 232 4.58 -4.29 -18.07
C GLY B 232 4.20 -5.54 -18.81
N THR B 233 3.54 -6.48 -18.13
CA THR B 233 3.21 -7.72 -18.79
C THR B 233 1.80 -8.12 -18.41
N SER B 234 1.17 -8.89 -19.28
CA SER B 234 -0.19 -9.36 -18.99
C SER B 234 -0.37 -10.72 -19.67
N HIS B 235 -0.57 -11.75 -18.86
CA HIS B 235 -0.56 -13.14 -19.32
C HIS B 235 -1.96 -13.74 -19.38
N HIS B 236 -2.20 -14.57 -20.39
CA HIS B 236 -3.32 -15.48 -20.39
C HIS B 236 -2.79 -16.83 -19.90
N LEU B 237 -3.05 -17.15 -18.63
CA LEU B 237 -2.66 -18.44 -18.07
C LEU B 237 -3.51 -19.58 -18.60
N GLY B 238 -4.63 -19.27 -19.25
CA GLY B 238 -5.45 -20.32 -19.84
C GLY B 238 -6.02 -21.21 -18.75
N GLN B 239 -5.96 -22.52 -18.96
CA GLN B 239 -6.42 -23.46 -17.95
C GLN B 239 -5.28 -24.18 -17.25
N ASN B 240 -4.06 -23.65 -17.35
CA ASN B 240 -2.92 -24.41 -16.84
C ASN B 240 -2.94 -24.45 -15.32
N PHE B 241 -3.39 -23.39 -14.68
CA PHE B 241 -3.38 -23.36 -13.24
C PHE B 241 -4.65 -23.94 -12.64
N SER B 242 -5.79 -23.77 -13.32
CA SER B 242 -7.05 -24.27 -12.78
C SER B 242 -7.11 -25.78 -12.81
N LYS B 243 -6.42 -26.42 -13.75
CA LYS B 243 -6.40 -27.88 -13.74
C LYS B 243 -5.53 -28.43 -12.61
N MET B 244 -4.68 -27.61 -12.00
CA MET B 244 -3.78 -28.05 -10.94
C MET B 244 -4.31 -27.74 -9.54
N PHE B 245 -4.94 -26.57 -9.34
CA PHE B 245 -5.53 -26.19 -8.07
C PHE B 245 -7.01 -26.47 -8.01
N GLU B 246 -7.56 -27.13 -9.03
CA GLU B 246 -8.96 -27.54 -9.10
C GLU B 246 -9.93 -26.37 -8.91
N ILE B 247 -9.78 -25.34 -9.75
CA ILE B 247 -10.75 -24.25 -9.80
C ILE B 247 -11.79 -24.66 -10.84
N VAL B 248 -12.95 -25.13 -10.37
CA VAL B 248 -13.91 -25.78 -11.25
C VAL B 248 -15.32 -25.35 -10.90
N PHE B 249 -16.13 -25.24 -11.94
CA PHE B 249 -17.55 -24.92 -11.82
C PHE B 249 -18.35 -25.87 -12.69
N GLU B 250 -19.59 -26.12 -12.29
CA GLU B 250 -20.45 -26.98 -13.09
C GLU B 250 -21.06 -26.19 -14.24
N ASP B 251 -21.04 -26.79 -15.41
CA ASP B 251 -21.67 -26.16 -16.56
C ASP B 251 -23.14 -25.90 -16.25
N PRO B 252 -23.65 -24.70 -16.52
CA PRO B 252 -25.08 -24.43 -16.26
C PRO B 252 -26.03 -25.28 -17.08
N LYS B 253 -25.58 -25.81 -18.22
CA LYS B 253 -26.45 -26.55 -19.11
C LYS B 253 -26.24 -28.05 -19.11
N ILE B 254 -25.02 -28.55 -18.84
CA ILE B 254 -24.76 -29.98 -18.87
C ILE B 254 -24.60 -30.44 -17.42
N PRO B 255 -25.52 -31.24 -16.88
CA PRO B 255 -25.54 -31.52 -15.44
C PRO B 255 -24.48 -32.54 -15.07
N GLY B 256 -23.71 -32.26 -14.03
CA GLY B 256 -22.58 -33.08 -13.63
C GLY B 256 -21.22 -32.70 -14.22
N GLU B 257 -21.16 -32.24 -15.48
CA GLU B 257 -19.87 -31.97 -16.11
C GLU B 257 -19.25 -30.72 -15.49
N LYS B 258 -18.05 -30.87 -14.93
CA LYS B 258 -17.31 -29.72 -14.43
C LYS B 258 -16.34 -29.18 -15.46
N GLN B 259 -16.14 -27.87 -15.41
CA GLN B 259 -15.34 -27.06 -16.31
C GLN B 259 -14.28 -26.33 -15.48
N PHE B 260 -13.06 -26.28 -16.01
CA PHE B 260 -11.99 -25.51 -15.36
C PHE B 260 -12.01 -24.07 -15.83
N ALA B 261 -11.88 -23.14 -14.87
CA ALA B 261 -11.81 -21.71 -15.17
C ALA B 261 -10.63 -21.38 -16.09
N TYR B 262 -10.80 -20.32 -16.87
CA TYR B 262 -9.73 -19.71 -17.65
C TYR B 262 -9.21 -18.50 -16.89
N GLN B 263 -7.89 -18.37 -16.78
CA GLN B 263 -7.32 -17.37 -15.90
C GLN B 263 -6.28 -16.53 -16.62
N ASN B 264 -6.21 -15.25 -16.20
CA ASN B 264 -5.16 -14.31 -16.56
C ASN B 264 -4.47 -13.80 -15.29
N SER B 265 -3.20 -13.42 -15.42
CA SER B 265 -2.52 -12.57 -14.44
C SER B 265 -1.73 -11.50 -15.17
N TRP B 266 -1.58 -10.35 -14.53
CA TRP B 266 -0.93 -9.20 -15.13
C TRP B 266 -0.23 -8.43 -14.04
N GLY B 267 0.91 -7.84 -14.38
CA GLY B 267 1.73 -7.22 -13.36
C GLY B 267 2.45 -5.99 -13.87
N LEU B 268 2.68 -5.04 -12.97
CA LEU B 268 3.41 -3.81 -13.26
C LEU B 268 4.24 -3.45 -12.04
N THR B 269 5.50 -3.09 -12.25
CA THR B 269 6.44 -2.87 -11.15
C THR B 269 7.04 -1.47 -11.19
N THR B 270 7.76 -1.15 -10.12
CA THR B 270 8.44 0.13 -10.01
C THR B 270 9.54 0.30 -11.06
N ARG B 271 9.83 -0.74 -11.84
CA ARG B 271 10.68 -0.59 -13.01
C ARG B 271 10.30 0.63 -13.84
N THR B 272 9.00 0.97 -13.90
CA THR B 272 8.52 2.20 -14.53
C THR B 272 9.39 3.41 -14.25
N ILE B 273 9.59 3.71 -12.96
CA ILE B 273 10.39 4.86 -12.54
C ILE B 273 11.78 4.81 -13.15
N GLY B 274 12.38 3.62 -13.15
CA GLY B 274 13.71 3.48 -13.73
C GLY B 274 13.71 3.82 -15.21
N VAL B 275 12.70 3.32 -15.93
CA VAL B 275 12.61 3.64 -17.34
C VAL B 275 12.40 5.13 -17.50
N MET B 276 11.58 5.74 -16.63
CA MET B 276 11.31 7.17 -16.76
C MET B 276 12.59 7.96 -16.55
N THR B 277 13.52 7.39 -15.77
CA THR B 277 14.79 8.06 -15.48
C THR B 277 15.74 7.94 -16.66
N MET B 278 15.71 6.82 -17.38
CA MET B 278 16.68 6.55 -18.43
C MET B 278 16.32 7.27 -19.72
N VAL B 279 15.02 7.30 -20.03
CA VAL B 279 14.57 7.93 -21.27
C VAL B 279 14.74 9.44 -21.20
N HIS B 280 14.24 10.07 -20.13
CA HIS B 280 14.11 11.52 -20.05
C HIS B 280 15.22 12.22 -19.28
N GLY B 281 15.90 11.52 -18.39
CA GLY B 281 16.95 12.17 -17.62
C GLY B 281 18.04 12.73 -18.52
N ASP B 282 18.65 13.82 -18.08
CA ASP B 282 19.74 14.43 -18.83
C ASP B 282 20.89 14.81 -17.92
N ASN B 283 21.88 15.53 -18.43
CA ASN B 283 23.06 15.81 -17.62
C ASN B 283 22.80 16.87 -16.56
N MET B 284 21.64 17.49 -16.55
CA MET B 284 21.28 18.36 -15.44
C MET B 284 20.65 17.58 -14.30
N GLY B 285 20.16 16.37 -14.58
CA GLY B 285 19.60 15.52 -13.55
C GLY B 285 18.37 14.77 -13.99
N LEU B 286 17.45 14.53 -13.05
CA LEU B 286 16.20 13.88 -13.37
C LEU B 286 15.28 14.85 -14.11
N VAL B 287 14.35 14.31 -14.88
CA VAL B 287 13.35 15.10 -15.62
C VAL B 287 12.00 14.43 -15.42
N LEU B 288 11.07 15.11 -14.74
CA LEU B 288 9.78 14.50 -14.40
C LEU B 288 8.73 14.88 -15.43
N PRO B 289 8.09 13.92 -16.07
CA PRO B 289 6.87 14.25 -16.84
C PRO B 289 5.85 14.93 -15.95
N PRO B 290 5.27 16.07 -16.39
CA PRO B 290 4.34 16.80 -15.52
C PRO B 290 3.20 15.97 -14.97
N ARG B 291 2.80 14.93 -15.71
CA ARG B 291 1.63 14.16 -15.32
C ARG B 291 1.87 13.29 -14.07
N VAL B 292 3.11 12.90 -13.79
CA VAL B 292 3.47 12.14 -12.58
C VAL B 292 4.26 12.97 -11.58
N ALA B 293 4.51 14.24 -11.88
CA ALA B 293 5.41 15.04 -11.05
C ALA B 293 4.75 15.32 -9.73
N CYS B 294 5.36 14.81 -8.65
CA CYS B 294 4.93 15.13 -7.30
C CYS B 294 4.74 16.63 -7.15
N VAL B 295 5.74 17.39 -7.57
CA VAL B 295 5.68 18.84 -7.65
C VAL B 295 5.75 19.24 -9.11
N GLN B 296 4.76 20.01 -9.59
CA GLN B 296 4.80 20.47 -10.96
C GLN B 296 5.50 21.83 -11.10
N VAL B 297 5.15 22.78 -10.24
CA VAL B 297 5.79 24.09 -10.20
C VAL B 297 6.37 24.29 -8.82
N VAL B 298 7.60 24.80 -8.76
CA VAL B 298 8.22 25.21 -7.51
C VAL B 298 8.46 26.72 -7.59
N ILE B 299 8.04 27.42 -6.54
CA ILE B 299 8.13 28.87 -6.47
C ILE B 299 9.33 29.19 -5.58
N ILE B 300 10.34 29.82 -6.16
CA ILE B 300 11.56 30.16 -5.42
C ILE B 300 11.66 31.69 -5.35
N PRO B 301 11.58 32.30 -4.16
CA PRO B 301 11.82 33.74 -4.05
C PRO B 301 13.31 34.06 -4.17
N CYS B 302 13.63 35.01 -5.02
CA CYS B 302 14.98 35.41 -5.23
C CYS B 302 15.18 36.80 -4.85
N GLY B 303 16.42 37.18 -4.73
CA GLY B 303 16.70 38.54 -4.43
C GLY B 303 16.56 38.96 -3.01
N ILE B 304 16.33 38.03 -2.12
CA ILE B 304 16.20 38.39 -0.75
C ILE B 304 17.52 38.56 -0.07
N THR B 305 18.26 39.59 -0.43
CA THR B 305 19.49 39.94 0.24
C THR B 305 19.12 40.73 1.48
N ASN B 306 20.03 40.90 2.40
CA ASN B 306 19.76 41.66 3.62
C ASN B 306 19.50 43.16 3.43
N ALA B 307 19.90 43.73 2.32
CA ALA B 307 19.61 45.10 2.04
C ALA B 307 18.11 45.36 1.91
N LEU B 308 17.34 44.43 1.38
CA LEU B 308 15.90 44.64 1.22
C LEU B 308 15.08 44.87 2.50
N SER B 309 14.12 45.77 2.44
CA SER B 309 13.31 46.14 3.56
C SER B 309 12.47 45.04 4.07
N GLU B 310 12.17 45.09 5.34
CA GLU B 310 11.25 44.07 5.84
C GLU B 310 9.90 44.20 5.14
N GLU B 311 9.48 45.44 4.88
CA GLU B 311 8.30 45.69 4.05
C GLU B 311 8.41 44.93 2.73
N ASP B 312 9.53 45.12 2.03
CA ASP B 312 9.72 44.48 0.73
C ASP B 312 9.86 42.97 0.83
N LYS B 313 10.55 42.46 1.87
CA LYS B 313 10.71 41.02 1.99
C LYS B 313 9.37 40.34 2.25
N GLU B 314 8.59 40.88 3.19
CA GLU B 314 7.32 40.25 3.49
C GLU B 314 6.36 40.39 2.33
N ALA B 315 6.43 41.51 1.58
CA ALA B 315 5.65 41.59 0.35
C ALA B 315 6.08 40.52 -0.65
N LEU B 316 7.38 40.28 -0.79
CA LEU B 316 7.84 39.29 -1.75
C LEU B 316 7.25 37.91 -1.43
N ILE B 317 7.48 37.44 -0.20
CA ILE B 317 7.00 36.09 0.06
C ILE B 317 5.48 36.05 0.02
N ALA B 318 4.82 37.16 0.35
CA ALA B 318 3.37 37.19 0.23
C ALA B 318 2.93 36.99 -1.22
N LYS B 319 3.61 37.65 -2.16
CA LYS B 319 3.29 37.47 -3.57
C LYS B 319 3.49 36.01 -4.01
N CYS B 320 4.58 35.37 -3.55
CA CYS B 320 4.75 33.94 -3.82
C CYS B 320 3.59 33.13 -3.27
N ASN B 321 3.08 33.49 -2.12
CA ASN B 321 1.93 32.77 -1.58
C ASN B 321 0.68 33.00 -2.43
N ASP B 322 0.49 34.22 -2.93
CA ASP B 322 -0.54 34.48 -3.94
C ASP B 322 -0.44 33.49 -5.09
N TYR B 323 0.75 33.40 -5.70
CA TYR B 323 0.91 32.47 -6.83
C TYR B 323 0.60 31.05 -6.38
N ARG B 324 1.04 30.67 -5.20
CA ARG B 324 0.87 29.30 -4.76
C ARG B 324 -0.61 28.96 -4.67
N ARG B 325 -1.39 29.83 -4.01
CA ARG B 325 -2.82 29.58 -3.87
C ARG B 325 -3.54 29.63 -5.23
N ARG B 326 -3.09 30.49 -6.15
CA ARG B 326 -3.78 30.57 -7.44
C ARG B 326 -3.51 29.35 -8.30
N LEU B 327 -2.30 28.81 -8.25
CA LEU B 327 -2.04 27.55 -8.95
C LEU B 327 -2.76 26.39 -8.28
N LEU B 328 -2.83 26.41 -6.94
CA LEU B 328 -3.66 25.43 -6.25
C LEU B 328 -5.10 25.52 -6.71
N SER B 329 -5.59 26.74 -6.98
CA SER B 329 -6.98 26.96 -7.38
C SER B 329 -7.32 26.37 -8.74
N VAL B 330 -6.33 25.82 -9.46
CA VAL B 330 -6.56 25.31 -10.80
C VAL B 330 -5.95 23.90 -10.86
N ASN B 331 -5.66 23.35 -9.70
CA ASN B 331 -5.18 21.98 -9.56
C ASN B 331 -3.84 21.78 -10.27
N ILE B 332 -2.97 22.76 -10.13
CA ILE B 332 -1.56 22.56 -10.41
C ILE B 332 -0.91 22.23 -9.08
N ARG B 333 -0.08 21.20 -9.07
CA ARG B 333 0.61 20.78 -7.84
C ARG B 333 1.83 21.66 -7.62
N VAL B 334 1.71 22.64 -6.74
CA VAL B 334 2.74 23.66 -6.56
C VAL B 334 3.28 23.57 -5.15
N ARG B 335 4.60 23.59 -5.03
CA ARG B 335 5.27 23.84 -3.77
C ARG B 335 5.88 25.23 -3.81
N ALA B 336 5.73 25.98 -2.72
CA ALA B 336 6.40 27.26 -2.56
C ALA B 336 7.56 27.06 -1.58
N ASP B 337 8.78 27.02 -2.11
CA ASP B 337 9.99 26.85 -1.29
C ASP B 337 10.41 28.22 -0.77
N LEU B 338 9.91 28.57 0.41
CA LEU B 338 10.17 29.88 1.01
C LEU B 338 11.20 29.82 2.11
N ARG B 339 11.94 28.72 2.21
CA ARG B 339 12.79 28.51 3.38
C ARG B 339 13.86 29.58 3.49
N ASP B 340 14.20 29.90 4.75
CA ASP B 340 15.22 30.89 5.05
C ASP B 340 16.62 30.35 4.77
N ASN B 341 16.94 29.18 5.35
CA ASN B 341 18.33 28.77 5.52
C ASN B 341 19.02 28.43 4.20
N TYR B 342 18.28 28.02 3.17
CA TYR B 342 18.89 27.65 1.90
C TYR B 342 18.94 28.83 0.93
N SER B 343 20.02 28.87 0.14
CA SER B 343 20.18 29.93 -0.83
C SER B 343 19.24 29.74 -2.02
N PRO B 344 18.97 30.81 -2.78
CA PRO B 344 18.25 30.61 -4.04
C PRO B 344 18.96 29.68 -5.01
N GLY B 345 20.28 29.82 -5.19
CA GLY B 345 21.00 28.88 -6.06
C GLY B 345 20.93 27.44 -5.57
N TRP B 346 21.08 27.24 -4.27
CA TRP B 346 20.89 25.91 -3.72
C TRP B 346 19.50 25.36 -4.09
N LYS B 347 18.48 26.21 -4.06
CA LYS B 347 17.13 25.75 -4.40
C LYS B 347 16.99 25.48 -5.90
N PHE B 348 17.54 26.35 -6.75
CA PHE B 348 17.51 26.06 -8.17
C PHE B 348 18.09 24.67 -8.40
N ASN B 349 19.26 24.41 -7.80
CA ASN B 349 19.92 23.12 -8.02
C ASN B 349 19.11 21.97 -7.46
N HIS B 350 18.69 22.07 -6.19
CA HIS B 350 17.87 21.04 -5.58
C HIS B 350 16.73 20.63 -6.52
N TRP B 351 15.94 21.61 -6.97
CA TRP B 351 14.73 21.24 -7.69
C TRP B 351 14.98 20.89 -9.15
N GLU B 352 16.08 21.38 -9.77
CA GLU B 352 16.51 20.87 -11.09
C GLU B 352 16.94 19.42 -11.00
N LEU B 353 17.74 19.08 -9.98
CA LEU B 353 18.14 17.69 -9.78
C LEU B 353 16.92 16.80 -9.61
N LYS B 354 15.92 17.27 -8.86
CA LYS B 354 14.72 16.45 -8.73
C LYS B 354 13.84 16.51 -9.97
N GLY B 355 14.17 17.36 -10.94
CA GLY B 355 13.47 17.35 -12.20
C GLY B 355 12.08 17.94 -12.17
N VAL B 356 11.84 18.90 -11.29
CA VAL B 356 10.56 19.61 -11.24
C VAL B 356 10.31 20.30 -12.58
N PRO B 357 9.18 20.07 -13.25
CA PRO B 357 8.97 20.61 -14.61
C PRO B 357 9.15 22.11 -14.77
N ILE B 358 8.59 22.91 -13.86
CA ILE B 358 8.63 24.37 -14.01
C ILE B 358 9.14 24.95 -12.70
N ARG B 359 10.11 25.85 -12.81
CA ARG B 359 10.55 26.66 -11.69
C ARG B 359 10.00 28.08 -11.85
N LEU B 360 9.35 28.60 -10.81
CA LEU B 360 8.75 29.92 -10.83
C LEU B 360 9.57 30.85 -9.94
N GLU B 361 10.43 31.65 -10.58
CA GLU B 361 11.25 32.65 -9.90
C GLU B 361 10.48 33.97 -9.79
N VAL B 362 10.38 34.48 -8.57
CA VAL B 362 9.79 35.78 -8.29
C VAL B 362 10.79 36.53 -7.44
N GLY B 363 11.38 37.57 -8.00
CA GLY B 363 12.27 38.44 -7.27
C GLY B 363 11.59 39.75 -6.99
N PRO B 364 12.30 40.67 -6.32
CA PRO B 364 11.66 41.95 -5.95
C PRO B 364 11.23 42.77 -7.14
N ARG B 365 12.09 42.94 -8.12
CA ARG B 365 11.79 43.68 -9.32
C ARG B 365 10.70 43.04 -10.09
N ASP B 366 10.76 41.74 -10.26
CA ASP B 366 9.72 41.01 -10.98
C ASP B 366 8.35 41.30 -10.36
N MET B 367 8.28 41.23 -9.04
CA MET B 367 7.07 41.56 -8.35
C MET B 367 6.64 42.99 -8.64
N LYS B 368 7.59 43.93 -8.62
CA LYS B 368 7.21 45.32 -8.86
C LYS B 368 6.82 45.61 -10.30
N SER B 369 7.02 44.67 -11.23
CA SER B 369 6.55 44.79 -12.61
C SER B 369 5.43 43.82 -12.93
N CYS B 370 4.78 43.26 -11.91
CA CYS B 370 3.70 42.30 -12.07
C CYS B 370 4.02 41.28 -13.16
N GLN B 371 5.12 40.56 -12.93
CA GLN B 371 5.56 39.51 -13.82
C GLN B 371 6.41 38.52 -13.03
N PHE B 372 6.83 37.46 -13.70
CA PHE B 372 7.66 36.46 -13.05
C PHE B 372 8.42 35.71 -14.14
N VAL B 373 9.38 34.88 -13.72
CA VAL B 373 10.17 34.06 -14.64
C VAL B 373 9.79 32.60 -14.44
N ALA B 374 9.40 31.94 -15.53
CA ALA B 374 9.15 30.51 -15.55
C ALA B 374 10.24 29.82 -16.36
N VAL B 375 10.90 28.83 -15.73
CA VAL B 375 11.95 28.06 -16.38
C VAL B 375 11.46 26.63 -16.56
N ARG B 376 11.47 26.16 -17.82
CA ARG B 376 11.12 24.78 -18.12
C ARG B 376 12.31 23.86 -17.85
N ARG B 377 12.05 22.77 -17.12
CA ARG B 377 13.12 21.83 -16.78
C ARG B 377 13.70 21.17 -18.03
N ASP B 378 12.85 20.77 -18.98
CA ASP B 378 13.29 19.88 -20.06
C ASP B 378 14.23 20.59 -21.03
N THR B 379 13.88 21.81 -21.45
CA THR B 379 14.67 22.52 -22.45
C THR B 379 15.49 23.65 -21.87
N GLY B 380 15.11 24.19 -20.71
CA GLY B 380 15.83 25.31 -20.12
C GLY B 380 15.36 26.70 -20.52
N GLU B 381 14.32 26.84 -21.36
CA GLU B 381 13.80 28.16 -21.72
C GLU B 381 13.36 28.93 -20.48
N LYS B 382 13.67 30.21 -20.47
CA LYS B 382 13.15 31.14 -19.48
C LYS B 382 12.14 32.04 -20.18
N LEU B 383 10.91 32.01 -19.72
CA LEU B 383 9.84 32.88 -20.22
C LEU B 383 9.46 33.86 -19.13
N THR B 384 9.47 35.14 -19.46
CA THR B 384 8.84 36.12 -18.59
C THR B 384 7.35 36.09 -18.84
N VAL B 385 6.58 36.20 -17.77
CA VAL B 385 5.14 36.00 -17.82
C VAL B 385 4.48 37.06 -16.96
N ALA B 386 3.46 37.72 -17.49
CA ALA B 386 2.69 38.67 -16.70
C ALA B 386 1.99 37.96 -15.55
N GLU B 387 1.78 38.69 -14.45
CA GLU B 387 1.20 38.10 -13.26
C GLU B 387 -0.20 37.54 -13.53
N ASN B 388 -1.07 38.35 -14.13
CA ASN B 388 -2.47 37.99 -14.35
C ASN B 388 -2.67 36.77 -15.24
N GLU B 389 -1.62 36.31 -15.93
CA GLU B 389 -1.70 35.17 -16.85
C GLU B 389 -1.09 33.89 -16.28
N ALA B 390 -0.58 33.92 -15.04
CA ALA B 390 0.03 32.75 -14.42
C ALA B 390 -0.73 31.46 -14.71
N GLU B 391 -1.91 31.34 -14.08
CA GLU B 391 -2.71 30.11 -14.14
C GLU B 391 -2.85 29.60 -15.56
N THR B 392 -3.02 30.51 -16.53
CA THR B 392 -3.23 30.04 -17.90
C THR B 392 -1.92 29.55 -18.49
N LYS B 393 -0.92 30.44 -18.47
CA LYS B 393 0.33 30.16 -19.16
C LYS B 393 1.06 28.95 -18.54
N LEU B 394 1.14 28.90 -17.19
CA LEU B 394 1.76 27.74 -16.56
C LEU B 394 1.09 26.46 -17.01
N GLN B 395 -0.26 26.45 -17.08
CA GLN B 395 -0.94 25.27 -17.59
CA GLN B 395 -0.94 25.27 -17.58
C GLN B 395 -0.41 24.90 -18.97
N ALA B 396 -0.39 25.88 -19.88
CA ALA B 396 0.08 25.64 -21.24
C ALA B 396 1.47 25.06 -21.25
N ILE B 397 2.35 25.57 -20.39
CA ILE B 397 3.71 25.06 -20.45
C ILE B 397 3.74 23.61 -19.95
N LEU B 398 3.00 23.31 -18.88
CA LEU B 398 3.00 21.95 -18.31
C LEU B 398 2.58 20.94 -19.38
N GLU B 399 1.41 21.14 -19.96
CA GLU B 399 1.00 20.41 -21.16
C GLU B 399 2.15 20.32 -22.15
N ASP B 400 2.68 21.46 -22.57
CA ASP B 400 3.68 21.42 -23.63
C ASP B 400 4.93 20.65 -23.22
N ILE B 401 5.28 20.64 -21.92
CA ILE B 401 6.40 19.79 -21.51
C ILE B 401 6.08 18.33 -21.78
N GLN B 402 4.96 17.85 -21.24
CA GLN B 402 4.58 16.45 -21.37
C GLN B 402 4.63 16.02 -22.83
N VAL B 403 3.87 16.73 -23.68
CA VAL B 403 3.87 16.51 -25.12
C VAL B 403 5.30 16.38 -25.64
N THR B 404 6.12 17.41 -25.39
CA THR B 404 7.41 17.35 -26.07
C THR B 404 8.27 16.21 -25.52
N LEU B 405 8.17 15.87 -24.23
CA LEU B 405 8.94 14.72 -23.75
C LEU B 405 8.58 13.50 -24.58
N PHE B 406 7.27 13.25 -24.73
CA PHE B 406 6.82 12.11 -25.51
C PHE B 406 7.33 12.21 -26.94
N THR B 407 7.19 13.40 -27.54
CA THR B 407 7.60 13.56 -28.93
C THR B 407 9.07 13.22 -29.09
N ARG B 408 9.91 13.70 -28.17
CA ARG B 408 11.32 13.40 -28.32
C ARG B 408 11.53 11.90 -28.26
N ALA B 409 10.99 11.27 -27.21
CA ALA B 409 11.20 9.83 -27.05
C ALA B 409 10.69 9.10 -28.27
N SER B 410 9.55 9.53 -28.82
CA SER B 410 8.97 8.75 -29.90
C SER B 410 9.89 8.77 -31.10
N GLU B 411 10.49 9.93 -31.39
CA GLU B 411 11.36 9.99 -32.55
C GLU B 411 12.59 9.12 -32.33
N ASP B 412 13.13 9.13 -31.10
CA ASP B 412 14.15 8.17 -30.70
C ASP B 412 13.74 6.78 -31.16
N LEU B 413 12.57 6.33 -30.68
CA LEU B 413 12.15 4.98 -30.96
C LEU B 413 12.13 4.74 -32.46
N LYS B 414 11.56 5.70 -33.21
CA LYS B 414 11.33 5.43 -34.62
C LYS B 414 12.65 5.35 -35.38
N THR B 415 13.69 6.05 -34.92
CA THR B 415 14.95 5.92 -35.61
C THR B 415 15.75 4.71 -35.14
N HIS B 416 15.46 4.18 -33.96
CA HIS B 416 16.25 3.08 -33.45
C HIS B 416 15.58 1.74 -33.67
N MET B 417 14.38 1.73 -34.25
CA MET B 417 13.69 0.50 -34.58
C MET B 417 13.53 0.43 -36.09
N VAL B 418 14.16 -0.56 -36.71
CA VAL B 418 14.19 -0.69 -38.16
C VAL B 418 14.00 -2.15 -38.54
N VAL B 419 13.52 -2.36 -39.77
CA VAL B 419 13.34 -3.69 -40.33
C VAL B 419 14.69 -4.24 -40.80
N ALA B 420 14.84 -5.57 -40.76
CA ALA B 420 15.92 -6.23 -41.47
C ALA B 420 15.48 -7.64 -41.82
N ASN B 421 15.83 -8.10 -43.02
CA ASN B 421 15.39 -9.38 -43.53
C ASN B 421 16.50 -10.41 -43.62
N THR B 422 17.71 -10.06 -43.20
CA THR B 422 18.84 -10.98 -43.27
C THR B 422 19.72 -10.72 -42.06
N MET B 423 20.47 -11.75 -41.67
CA MET B 423 21.16 -11.69 -40.39
C MET B 423 22.40 -10.80 -40.39
N GLU B 424 22.98 -10.49 -41.54
CA GLU B 424 24.14 -9.59 -41.52
C GLU B 424 23.70 -8.16 -41.23
N ASP B 425 22.67 -7.72 -41.96
CA ASP B 425 22.03 -6.45 -41.64
C ASP B 425 21.53 -6.46 -40.20
N PHE B 426 20.79 -7.51 -39.83
CA PHE B 426 20.41 -7.68 -38.44
C PHE B 426 21.61 -7.48 -37.52
N GLN B 427 22.76 -8.04 -37.89
CA GLN B 427 23.91 -8.13 -36.99
C GLN B 427 24.49 -6.77 -36.69
N LYS B 428 24.79 -5.98 -37.70
CA LYS B 428 25.40 -4.74 -37.26
C LYS B 428 24.48 -3.52 -37.35
N ILE B 429 23.22 -3.67 -37.80
CA ILE B 429 22.17 -2.78 -37.31
C ILE B 429 22.06 -2.92 -35.80
N LEU B 430 22.21 -4.14 -35.28
CA LEU B 430 22.14 -4.34 -33.84
C LEU B 430 23.38 -3.78 -33.16
N ASP B 431 24.56 -3.99 -33.74
CA ASP B 431 25.72 -3.33 -33.11
C ASP B 431 25.78 -1.83 -33.38
N SER B 432 24.83 -1.30 -34.14
CA SER B 432 24.61 0.14 -34.24
C SER B 432 23.95 0.76 -32.99
N GLY B 433 23.52 -0.06 -32.02
CA GLY B 433 22.82 0.46 -30.86
C GLY B 433 21.33 0.58 -31.08
N LYS B 434 20.76 -0.37 -31.82
CA LYS B 434 19.37 -0.33 -32.27
C LYS B 434 18.70 -1.67 -32.00
N ILE B 435 17.38 -1.69 -32.14
CA ILE B 435 16.61 -2.92 -32.10
C ILE B 435 16.02 -3.15 -33.49
N VAL B 436 15.91 -4.41 -33.88
CA VAL B 436 15.58 -4.79 -35.24
C VAL B 436 14.37 -5.69 -35.25
N GLN B 437 13.43 -5.42 -36.16
CA GLN B 437 12.39 -6.38 -36.50
C GLN B 437 12.89 -7.24 -37.65
N ILE B 438 12.86 -8.56 -37.45
CA ILE B 438 13.34 -9.55 -38.43
C ILE B 438 12.30 -10.64 -38.66
N PRO B 439 12.25 -11.25 -39.84
CA PRO B 439 11.31 -12.37 -40.05
C PRO B 439 11.77 -13.60 -39.28
N PHE B 440 10.84 -14.27 -38.58
CA PHE B 440 11.23 -15.25 -37.59
C PHE B 440 10.37 -16.49 -37.67
N CYS B 441 11.01 -17.64 -37.46
CA CYS B 441 10.37 -18.95 -37.46
C CYS B 441 9.66 -19.29 -36.15
N GLY B 442 10.01 -18.58 -35.06
CA GLY B 442 9.39 -18.81 -33.77
C GLY B 442 9.95 -19.98 -32.96
N GLU B 443 10.79 -20.81 -33.55
CA GLU B 443 11.30 -22.00 -32.89
C GLU B 443 12.37 -21.64 -31.87
N ILE B 444 12.47 -22.45 -30.81
CA ILE B 444 13.32 -22.10 -29.69
C ILE B 444 14.78 -22.37 -30.01
N ASP B 445 15.05 -23.51 -30.66
CA ASP B 445 16.39 -23.78 -31.20
C ASP B 445 16.92 -22.56 -31.93
N CYS B 446 16.14 -22.03 -32.87
CA CYS B 446 16.59 -20.86 -33.64
C CYS B 446 16.72 -19.63 -32.77
N GLU B 447 15.92 -19.49 -31.71
CA GLU B 447 16.07 -18.32 -30.85
C GLU B 447 17.39 -18.39 -30.09
N ASP B 448 17.72 -19.58 -29.58
CA ASP B 448 19.03 -19.80 -28.97
C ASP B 448 20.15 -19.54 -29.98
N TRP B 449 19.93 -19.93 -31.23
CA TRP B 449 20.93 -19.68 -32.26
C TRP B 449 21.14 -18.18 -32.49
N ILE B 450 20.05 -17.42 -32.62
CA ILE B 450 20.18 -15.98 -32.85
C ILE B 450 20.89 -15.34 -31.68
N LYS B 451 20.57 -15.75 -30.44
CA LYS B 451 21.31 -15.26 -29.29
C LYS B 451 22.81 -15.53 -29.45
N LYS B 452 23.16 -16.78 -29.81
CA LYS B 452 24.57 -17.16 -29.81
C LYS B 452 25.36 -16.46 -30.92
N THR B 453 24.76 -16.34 -32.11
CA THR B 453 25.41 -15.68 -33.24
C THR B 453 25.67 -14.20 -32.95
N THR B 454 24.62 -13.49 -32.47
CA THR B 454 24.67 -12.02 -32.30
C THR B 454 25.67 -11.55 -31.21
N ALA B 455 26.51 -12.41 -30.66
CA ALA B 455 27.61 -11.98 -29.81
C ALA B 455 28.92 -12.01 -30.60
N MET B 467 27.56 -9.34 -25.72
CA MET B 467 26.23 -9.81 -25.32
C MET B 467 25.26 -10.04 -26.50
N GLY B 468 24.70 -11.27 -26.57
CA GLY B 468 23.85 -11.62 -27.68
C GLY B 468 22.45 -11.02 -27.59
N ALA B 469 21.77 -11.00 -28.74
CA ALA B 469 20.43 -10.41 -28.85
C ALA B 469 19.34 -11.41 -28.45
N LYS B 470 18.28 -10.90 -27.88
CA LYS B 470 17.21 -11.72 -27.37
C LYS B 470 15.92 -11.28 -28.07
N SER B 471 14.94 -12.18 -28.15
CA SER B 471 13.60 -11.77 -28.53
C SER B 471 13.04 -10.73 -27.54
N LEU B 472 12.29 -9.77 -28.06
CA LEU B 472 11.56 -8.82 -27.22
C LEU B 472 10.05 -9.01 -27.38
N CYS B 473 9.52 -8.83 -28.59
CA CYS B 473 8.09 -9.09 -28.76
C CYS B 473 7.78 -9.41 -30.22
N ILE B 474 6.62 -10.05 -30.44
CA ILE B 474 6.07 -10.18 -31.78
C ILE B 474 5.02 -9.08 -31.90
N PRO B 475 5.31 -7.99 -32.60
CA PRO B 475 4.49 -6.78 -32.44
C PRO B 475 3.09 -6.96 -33.01
N PHE B 476 2.10 -6.39 -32.30
CA PHE B 476 0.76 -6.32 -32.86
C PHE B 476 0.77 -5.68 -34.24
N LYS B 477 1.54 -4.59 -34.40
CA LYS B 477 1.60 -3.78 -35.62
C LYS B 477 3.04 -3.74 -36.13
N PRO B 478 3.47 -4.72 -36.92
CA PRO B 478 4.84 -4.70 -37.43
C PRO B 478 5.07 -3.54 -38.40
N LEU B 479 6.33 -3.15 -38.51
CA LEU B 479 6.66 -2.09 -39.45
C LEU B 479 6.33 -2.47 -40.89
N CYS B 480 6.43 -3.76 -41.22
CA CYS B 480 6.18 -4.21 -42.58
C CYS B 480 5.38 -5.51 -42.55
N GLU B 481 4.61 -5.74 -43.60
CA GLU B 481 3.92 -7.00 -43.73
CA GLU B 481 3.91 -7.00 -43.77
C GLU B 481 4.86 -8.06 -44.30
N LEU B 482 4.63 -9.30 -43.89
CA LEU B 482 5.46 -10.40 -44.36
C LEU B 482 5.10 -10.73 -45.80
N GLN B 483 6.09 -10.64 -46.71
CA GLN B 483 5.85 -11.13 -48.08
C GLN B 483 5.81 -12.65 -48.06
N PRO B 484 4.84 -13.28 -48.71
CA PRO B 484 4.66 -14.73 -48.52
C PRO B 484 5.86 -15.52 -49.03
N GLY B 485 6.12 -16.64 -48.36
CA GLY B 485 7.33 -17.39 -48.60
C GLY B 485 8.58 -16.81 -47.99
N ALA B 486 8.46 -15.70 -47.26
CA ALA B 486 9.60 -15.13 -46.55
C ALA B 486 10.22 -16.18 -45.65
N LYS B 487 11.51 -16.44 -45.83
CA LYS B 487 12.20 -17.35 -44.94
C LYS B 487 12.63 -16.64 -43.67
N CYS B 488 12.64 -17.38 -42.57
CA CYS B 488 13.26 -16.90 -41.33
C CYS B 488 14.73 -16.60 -41.58
N VAL B 489 15.33 -15.89 -40.65
CA VAL B 489 16.72 -15.56 -40.76
C VAL B 489 17.62 -16.73 -40.52
N CYS B 490 17.07 -17.89 -40.16
CA CYS B 490 17.91 -19.07 -39.96
C CYS B 490 18.23 -19.59 -41.35
N GLY B 491 17.24 -19.44 -42.21
CA GLY B 491 17.26 -19.79 -43.61
C GLY B 491 16.71 -21.16 -43.86
N LYS B 492 16.70 -21.95 -42.81
CA LYS B 492 16.25 -23.30 -42.87
C LYS B 492 14.78 -23.42 -42.84
N ASN B 493 14.11 -22.51 -42.15
CA ASN B 493 12.67 -22.64 -42.05
C ASN B 493 11.98 -21.36 -42.51
N PRO B 494 10.69 -21.43 -42.84
CA PRO B 494 9.98 -20.23 -43.28
C PRO B 494 9.54 -19.36 -42.11
N ALA B 495 9.55 -18.05 -42.36
CA ALA B 495 9.22 -17.08 -41.33
C ALA B 495 7.75 -17.17 -40.94
N LYS B 496 7.48 -17.19 -39.64
CA LYS B 496 6.11 -17.14 -39.14
C LYS B 496 5.64 -15.73 -38.89
N TYR B 497 6.50 -14.85 -38.40
CA TYR B 497 6.12 -13.47 -38.11
C TYR B 497 7.28 -12.52 -37.97
N TYR B 498 7.06 -11.27 -38.27
CA TYR B 498 8.09 -10.30 -37.93
C TYR B 498 8.18 -10.24 -36.41
N THR B 499 9.39 -10.37 -35.89
CA THR B 499 9.65 -10.38 -34.46
C THR B 499 10.70 -9.31 -34.15
N LEU B 500 10.41 -8.48 -33.15
CA LEU B 500 11.34 -7.49 -32.66
C LEU B 500 12.34 -8.14 -31.71
N PHE B 501 13.63 -8.04 -32.10
CA PHE B 501 14.81 -8.52 -31.38
C PHE B 501 15.73 -7.34 -31.04
N GLY B 502 16.59 -7.58 -30.06
CA GLY B 502 17.52 -6.56 -29.61
C GLY B 502 18.23 -7.01 -28.36
N ARG B 503 19.10 -6.14 -27.85
CA ARG B 503 19.73 -6.35 -26.56
C ARG B 503 18.83 -5.84 -25.44
N SER B 504 18.92 -6.48 -24.27
CA SER B 504 17.84 -6.42 -23.29
C SER B 504 18.34 -6.29 -21.86
N TYR B 505 17.53 -5.59 -21.05
CA TYR B 505 17.77 -5.30 -19.61
C TYR B 505 17.22 -6.35 -18.64
O1 1UI C . 1.94 -9.66 18.19
C24 1UI C . 1.58 -1.57 16.35
O2 1UI C . -1.37 -3.57 16.60
C23 1UI C . 1.54 -2.29 17.66
C22 1UI C . -0.74 -1.66 18.59
N2 1UI C . -0.47 -8.67 15.76
C12 1UI C . 1.26 -9.68 17.16
C5 1UI C . 0.42 -13.23 21.29
C2 1UI C . -1.21 -13.93 22.89
C1 1UI C . -0.07 -13.22 22.59
C 1UI C . -0.02 -11.74 24.48
N1 1UI C . 1.34 -10.68 16.27
N 1UI C . -1.87 -14.65 21.98
C3 1UI C . -1.39 -14.66 20.73
C4 1UI C . -0.25 -13.98 20.32
C6 1UI C . 0.26 -14.03 18.92
C7 1UI C . -0.02 -15.12 18.10
C8 1UI C . 0.45 -15.12 16.82
C25 1UI C . 2.10 -2.96 16.43
C26 1UI C . -0.52 -3.79 17.44
C27 1UI C . 1.02 -12.99 18.40
C9 1UI C . 1.17 -14.09 16.28
C10 1UI C . 1.47 -13.00 17.08
C11 1UI C . 2.21 -11.82 16.51
C13 1UI C . 0.36 -8.53 16.80
C14 1UI C . 0.51 -7.35 17.50
C15 1UI C . -0.22 -6.25 17.09
C16 1UI C . -1.07 -6.36 16.00
C17 1UI C . -1.18 -7.59 15.36
C18 1UI C . -2.07 -7.78 14.18
O 1UI C . 0.68 -12.53 23.51
C19 1UI C . 0.77 -4.99 19.02
C20 1UI C . 0.52 -3.59 19.58
C21 1UI C . 0.19 -2.75 18.32
F 1UI C . 0.22 -16.22 16.05
N3 1UI C . -0.04 -5.02 17.78
N4 1UI C . -1.49 -0.85 18.82
ZN ZN D . 2.68 -1.57 43.82
CA CA E . 8.59 -10.35 22.45
CA CA F . 10.48 -0.70 45.44
CA CA G . -18.76 -17.35 40.47
CL CL H . -7.48 11.74 27.26
CL CL I . -21.11 10.11 9.95
CL CL J . -23.35 -19.43 11.37
N PRO K . 7.69 0.42 15.42
CA PRO K . 6.78 0.67 16.55
C PRO K . 6.10 -0.60 17.04
O PRO K . 5.35 -0.55 18.01
CB PRO K . 5.75 1.66 15.95
CG PRO K . 5.74 1.37 14.48
CD PRO K . 7.14 0.90 14.14
OXT PRO K . 6.28 -1.70 16.51
CL CL L . -24.68 -4.18 22.57
CL CL M . 23.16 -13.51 -0.96
O1 1UI N . 13.93 -10.07 -12.20
C24 1UI N . 5.97 -7.68 -13.97
O2 1UI N . 8.79 -5.61 -14.18
C23 1UI N . 7.02 -8.34 -14.82
C22 1UI N . 7.59 -6.54 -16.46
N2 1UI N . 12.75 -6.93 -11.03
C12 1UI N . 13.75 -9.12 -11.43
C5 1UI N . 18.34 -10.44 -14.09
C2 1UI N . 19.74 -9.47 -15.77
C1 1UI N . 18.73 -10.37 -15.42
C 1UI N . 18.72 -11.21 -17.66
N1 1UI N . 14.34 -9.02 -10.24
N 1UI N . 20.36 -8.71 -14.87
C3 1UI N . 19.97 -8.80 -13.58
C4 1UI N . 18.95 -9.64 -13.14
C6 1UI N . 18.50 -9.63 -11.72
C7 1UI N . 19.33 -9.15 -10.71
C8 1UI N . 18.83 -9.05 -9.43
C25 1UI N . 6.99 -8.59 -13.34
C26 1UI N . 8.98 -6.74 -14.55
C27 1UI N . 17.19 -10.00 -11.37
C9 1UI N . 17.55 -9.37 -9.09
C10 1UI N . 16.69 -9.84 -10.08
C11 1UI N . 15.24 -10.07 -9.77
C13 1UI N . 12.77 -8.04 -11.79
C14 1UI N . 11.92 -8.25 -12.85
C15 1UI N . 10.98 -7.28 -13.15
C16 1UI N . 10.94 -6.11 -12.38
C17 1UI N . 11.85 -5.96 -11.34
C18 1UI N . 11.93 -4.69 -10.54
O 1UI N . 18.13 -11.17 -16.36
C19 1UI N . 10.16 -8.75 -15.01
C20 1UI N . 9.16 -8.53 -16.14
C21 1UI N . 8.15 -7.53 -15.53
F 1UI N . 19.67 -8.63 -8.44
N3 1UI N . 10.04 -7.53 -14.20
N4 1UI N . 7.17 -5.72 -17.13
ZN ZN O . 14.33 -19.50 -37.47
CA CA P . 14.13 -18.14 -13.80
CL CL Q . 6.66 -23.18 12.16
N PRO R . 2.35 -12.92 -11.95
CA PRO R . 2.65 -12.73 -13.37
C PRO R . 4.14 -12.41 -13.58
O PRO R . 4.90 -12.31 -12.61
CB PRO R . 1.76 -11.54 -13.74
CG PRO R . 1.77 -10.70 -12.48
CD PRO R . 1.76 -11.71 -11.35
OXT PRO R . 4.65 -12.25 -14.71
#